data_8F37
#
_entry.id   8F37
#
_entity_poly.entity_id   1
_entity_poly.type   'polypeptide(L)'
_entity_poly.pdbx_seq_one_letter_code
;GTRRRGRQTYTRFQTLELEKEFHFNHYLTRRRRIEIAHALCLTERQIKIWFQNRRMKLKKEL
;
_entity_poly.pdbx_strand_id   A
#
# COMPACT_ATOMS: atom_id res chain seq x y z
N GLY A 1 4.44 19.60 -12.91
CA GLY A 1 5.30 20.76 -13.09
C GLY A 1 6.53 20.71 -12.22
N THR A 2 6.45 19.96 -11.12
CA THR A 2 7.58 19.83 -10.20
C THR A 2 7.54 18.49 -9.48
N ARG A 3 8.57 18.22 -8.69
CA ARG A 3 8.65 16.97 -7.94
C ARG A 3 9.53 17.14 -6.70
N ARG A 4 8.92 16.97 -5.53
CA ARG A 4 9.64 17.11 -4.26
C ARG A 4 9.01 16.25 -3.18
N ARG A 5 8.46 15.10 -3.58
CA ARG A 5 7.81 14.20 -2.64
C ARG A 5 8.80 13.16 -2.12
N GLY A 6 8.85 13.01 -0.80
CA GLY A 6 9.75 12.05 -0.20
C GLY A 6 9.04 10.84 0.38
N ARG A 7 8.79 9.85 -0.46
CA ARG A 7 8.09 8.64 -0.02
C ARG A 7 8.87 7.94 1.09
N GLN A 8 8.23 6.97 1.73
CA GLN A 8 8.86 6.22 2.82
C GLN A 8 9.45 4.91 2.31
N THR A 9 9.88 4.07 3.25
CA THR A 9 10.46 2.78 2.89
C THR A 9 9.69 1.63 3.53
N TYR A 10 9.56 0.54 2.78
CA TYR A 10 8.83 -0.64 3.27
C TYR A 10 9.75 -1.86 3.29
N THR A 11 9.68 -2.63 4.38
CA THR A 11 10.49 -3.83 4.52
C THR A 11 9.99 -4.94 3.60
N ARG A 12 10.83 -5.95 3.39
CA ARG A 12 10.48 -7.07 2.53
C ARG A 12 9.13 -7.66 2.93
N PHE A 13 8.97 -7.92 4.23
CA PHE A 13 7.74 -8.49 4.74
C PHE A 13 6.54 -7.60 4.42
N GLN A 14 6.80 -6.31 4.28
CA GLN A 14 5.75 -5.35 3.96
C GLN A 14 5.45 -5.34 2.47
N THR A 15 6.51 -5.23 1.66
CA THR A 15 6.36 -5.21 0.22
C THR A 15 5.77 -6.52 -0.30
N LEU A 16 6.17 -7.62 0.33
CA LEU A 16 5.69 -8.94 -0.07
C LEU A 16 4.24 -9.14 0.38
N GLU A 17 3.98 -8.89 1.66
CA GLU A 17 2.64 -9.04 2.22
C GLU A 17 1.65 -8.10 1.54
N LEU A 18 1.96 -6.81 1.57
CA LEU A 18 1.11 -5.80 0.95
C LEU A 18 0.79 -6.16 -0.49
N GLU A 19 1.83 -6.54 -1.24
CA GLU A 19 1.66 -6.91 -2.64
C GLU A 19 0.92 -8.24 -2.76
N LYS A 20 1.02 -9.07 -1.73
CA LYS A 20 0.36 -10.37 -1.73
C LYS A 20 -1.15 -10.21 -1.85
N GLU A 21 -1.73 -9.34 -1.04
CA GLU A 21 -3.16 -9.09 -1.06
C GLU A 21 -3.53 -8.12 -2.19
N PHE A 22 -2.70 -7.11 -2.38
CA PHE A 22 -2.94 -6.11 -3.42
C PHE A 22 -2.93 -6.76 -4.80
N HIS A 23 -2.13 -7.81 -4.95
CA HIS A 23 -2.02 -8.52 -6.23
C HIS A 23 -3.37 -9.08 -6.64
N PHE A 24 -4.12 -9.60 -5.67
CA PHE A 24 -5.43 -10.17 -5.94
C PHE A 24 -6.50 -9.08 -6.02
N ASN A 25 -6.51 -8.21 -5.00
CA ASN A 25 -7.48 -7.12 -4.95
C ASN A 25 -6.97 -5.98 -4.07
N HIS A 26 -7.37 -4.77 -4.40
CA HIS A 26 -6.96 -3.59 -3.64
C HIS A 26 -8.16 -2.91 -2.99
N TYR A 27 -8.42 -3.26 -1.73
CA TYR A 27 -9.54 -2.69 -0.99
C TYR A 27 -9.58 -3.24 0.43
N LEU A 28 -9.73 -2.33 1.40
CA LEU A 28 -9.80 -2.72 2.80
C LEU A 28 -10.76 -1.83 3.57
N THR A 29 -11.41 -2.41 4.58
CA THR A 29 -12.37 -1.67 5.40
C THR A 29 -11.70 -1.06 6.62
N ARG A 30 -12.49 -0.44 7.49
CA ARG A 30 -11.96 0.18 8.70
C ARG A 30 -11.23 -0.85 9.56
N ARG A 31 -11.98 -1.85 10.02
CA ARG A 31 -11.40 -2.89 10.86
C ARG A 31 -10.26 -3.60 10.14
N ARG A 32 -10.37 -3.70 8.83
CA ARG A 32 -9.35 -4.36 8.02
C ARG A 32 -8.05 -3.57 8.05
N ARG A 33 -8.14 -2.28 7.76
CA ARG A 33 -6.97 -1.41 7.75
C ARG A 33 -6.19 -1.53 9.05
N ILE A 34 -6.83 -1.17 10.16
CA ILE A 34 -6.19 -1.24 11.46
C ILE A 34 -5.63 -2.63 11.72
N GLU A 35 -6.28 -3.65 11.17
CA GLU A 35 -5.83 -5.03 11.33
C GLU A 35 -4.38 -5.19 10.88
N ILE A 36 -4.10 -4.75 9.65
CA ILE A 36 -2.76 -4.85 9.10
C ILE A 36 -1.88 -3.70 9.57
N ALA A 37 -2.52 -2.60 9.96
CA ALA A 37 -1.79 -1.43 10.45
C ALA A 37 -1.09 -1.72 11.77
N HIS A 38 -1.80 -2.39 12.68
CA HIS A 38 -1.25 -2.74 13.98
C HIS A 38 -0.42 -4.02 13.90
N ALA A 39 -0.83 -4.93 13.03
CA ALA A 39 -0.13 -6.19 12.85
C ALA A 39 1.21 -5.99 12.15
N LEU A 40 1.19 -5.20 11.08
CA LEU A 40 2.40 -4.91 10.31
C LEU A 40 3.19 -3.77 10.95
N CYS A 41 2.67 -3.23 12.04
CA CYS A 41 3.32 -2.13 12.74
C CYS A 41 3.40 -0.89 11.86
N LEU A 42 2.52 -0.82 10.86
CA LEU A 42 2.49 0.31 9.95
C LEU A 42 1.40 1.30 10.34
N THR A 43 1.30 2.39 9.58
CA THR A 43 0.29 3.41 9.85
C THR A 43 -0.88 3.30 8.87
N GLU A 44 -2.08 3.63 9.35
CA GLU A 44 -3.27 3.57 8.53
C GLU A 44 -3.06 4.34 7.22
N ARG A 45 -2.33 5.45 7.30
CA ARG A 45 -2.06 6.27 6.13
C ARG A 45 -1.10 5.57 5.17
N GLN A 46 -0.13 4.85 5.74
CA GLN A 46 0.85 4.13 4.95
C GLN A 46 0.17 3.13 4.02
N ILE A 47 -0.71 2.31 4.58
CA ILE A 47 -1.43 1.31 3.81
C ILE A 47 -2.30 1.96 2.73
N LYS A 48 -2.99 3.02 3.11
CA LYS A 48 -3.86 3.74 2.18
C LYS A 48 -3.06 4.24 0.97
N ILE A 49 -2.01 5.01 1.24
CA ILE A 49 -1.16 5.55 0.18
C ILE A 49 -0.48 4.44 -0.60
N TRP A 50 0.03 3.45 0.12
CA TRP A 50 0.72 2.32 -0.51
C TRP A 50 -0.16 1.70 -1.59
N PHE A 51 -1.47 1.67 -1.35
CA PHE A 51 -2.41 1.10 -2.30
C PHE A 51 -2.57 2.00 -3.52
N GLN A 52 -2.71 3.29 -3.28
CA GLN A 52 -2.87 4.26 -4.35
C GLN A 52 -1.63 4.31 -5.23
N ASN A 53 -0.46 4.31 -4.60
CA ASN A 53 0.80 4.35 -5.32
C ASN A 53 0.97 3.12 -6.21
N ARG A 54 0.83 1.94 -5.60
CA ARG A 54 0.97 0.69 -6.34
C ARG A 54 0.06 0.68 -7.56
N ARG A 55 -1.18 1.10 -7.38
CA ARG A 55 -2.15 1.15 -8.47
C ARG A 55 -1.68 2.10 -9.58
N MET A 56 -0.95 3.13 -9.18
CA MET A 56 -0.45 4.12 -10.13
C MET A 56 0.46 3.46 -11.17
N LYS A 57 1.31 2.55 -10.71
CA LYS A 57 2.23 1.84 -11.59
C LYS A 57 1.49 0.77 -12.39
N LEU A 58 0.43 0.21 -11.81
CA LEU A 58 -0.35 -0.81 -12.47
C LEU A 58 -0.83 -0.34 -13.84
N LYS A 59 -0.20 -0.84 -14.89
CA LYS A 59 -0.57 -0.47 -16.25
C LYS A 59 -1.68 -1.37 -16.78
N LYS A 60 -2.75 -0.76 -17.27
CA LYS A 60 -3.89 -1.50 -17.81
C LYS A 60 -4.85 -0.57 -18.53
N GLU A 61 -4.34 0.13 -19.55
CA GLU A 61 -5.17 1.05 -20.31
C GLU A 61 -5.70 2.17 -19.44
N LEU A 62 -5.01 3.30 -19.44
CA LEU A 62 -5.41 4.46 -18.64
C LEU A 62 -5.45 4.10 -17.16
N GLY A 1 0.82 18.50 -10.79
CA GLY A 1 2.06 18.84 -10.13
C GLY A 1 2.03 18.53 -8.65
N THR A 2 2.57 19.45 -7.84
CA THR A 2 2.61 19.25 -6.40
C THR A 2 3.25 17.93 -6.03
N ARG A 3 4.58 17.91 -5.99
CA ARG A 3 5.32 16.70 -5.66
C ARG A 3 5.99 16.83 -4.29
N ARG A 4 6.09 15.71 -3.58
CA ARG A 4 6.70 15.69 -2.25
C ARG A 4 7.95 14.82 -2.24
N ARG A 5 9.06 15.38 -1.78
CA ARG A 5 10.32 14.65 -1.72
C ARG A 5 10.70 14.36 -0.28
N GLY A 6 10.51 13.11 0.13
CA GLY A 6 10.84 12.71 1.49
C GLY A 6 10.01 11.52 1.96
N ARG A 7 10.45 10.32 1.59
CA ARG A 7 9.75 9.10 1.97
C ARG A 7 10.69 7.90 2.00
N GLN A 8 10.27 6.82 2.64
CA GLN A 8 11.08 5.62 2.73
C GLN A 8 10.44 4.47 1.96
N THR A 9 11.15 3.34 1.90
CA THR A 9 10.64 2.16 1.20
C THR A 9 10.11 1.12 2.17
N TYR A 10 9.21 0.27 1.69
CA TYR A 10 8.63 -0.78 2.52
C TYR A 10 9.61 -1.92 2.72
N THR A 11 9.60 -2.50 3.91
CA THR A 11 10.50 -3.62 4.23
C THR A 11 10.09 -4.88 3.47
N ARG A 12 10.80 -5.97 3.73
CA ARG A 12 10.52 -7.24 3.07
C ARG A 12 9.19 -7.82 3.55
N PHE A 13 9.08 -8.01 4.85
CA PHE A 13 7.86 -8.55 5.44
C PHE A 13 6.64 -7.74 5.03
N GLN A 14 6.86 -6.46 4.73
CA GLN A 14 5.78 -5.58 4.33
C GLN A 14 5.44 -5.76 2.85
N THR A 15 6.45 -5.65 1.99
CA THR A 15 6.26 -5.81 0.56
C THR A 15 5.68 -7.17 0.23
N LEU A 16 6.19 -8.21 0.89
CA LEU A 16 5.73 -9.57 0.67
C LEU A 16 4.30 -9.75 1.17
N GLU A 17 4.11 -9.53 2.47
CA GLU A 17 2.78 -9.66 3.07
C GLU A 17 1.75 -8.84 2.31
N LEU A 18 2.03 -7.55 2.16
CA LEU A 18 1.13 -6.65 1.44
C LEU A 18 0.81 -7.19 0.05
N GLU A 19 1.85 -7.43 -0.73
CA GLU A 19 1.67 -7.94 -2.09
C GLU A 19 0.91 -9.27 -2.08
N LYS A 20 1.00 -9.99 -0.96
CA LYS A 20 0.31 -11.26 -0.82
C LYS A 20 -1.20 -11.07 -0.89
N GLU A 21 -1.72 -10.17 -0.07
CA GLU A 21 -3.15 -9.90 -0.03
C GLU A 21 -3.57 -9.06 -1.23
N PHE A 22 -2.63 -8.28 -1.76
CA PHE A 22 -2.90 -7.42 -2.91
C PHE A 22 -2.93 -8.23 -4.21
N HIS A 23 -2.23 -9.37 -4.19
CA HIS A 23 -2.18 -10.23 -5.37
C HIS A 23 -3.58 -10.73 -5.74
N PHE A 24 -4.34 -11.11 -4.73
CA PHE A 24 -5.70 -11.61 -4.94
C PHE A 24 -6.57 -10.54 -5.61
N ASN A 25 -6.57 -9.34 -5.03
CA ASN A 25 -7.35 -8.24 -5.56
C ASN A 25 -6.89 -6.91 -4.98
N HIS A 26 -7.50 -5.82 -5.42
CA HIS A 26 -7.14 -4.49 -4.96
C HIS A 26 -8.37 -3.76 -4.40
N TYR A 27 -8.56 -3.86 -3.09
CA TYR A 27 -9.70 -3.21 -2.44
C TYR A 27 -9.66 -3.46 -0.93
N LEU A 28 -9.84 -2.38 -0.16
CA LEU A 28 -9.82 -2.47 1.30
C LEU A 28 -10.62 -1.33 1.92
N THR A 29 -11.31 -1.62 3.00
CA THR A 29 -12.11 -0.62 3.70
C THR A 29 -11.36 -0.05 4.91
N ARG A 30 -12.01 0.85 5.63
CA ARG A 30 -11.41 1.47 6.81
C ARG A 30 -10.97 0.41 7.81
N ARG A 31 -11.88 -0.51 8.12
CA ARG A 31 -11.59 -1.59 9.07
C ARG A 31 -10.42 -2.44 8.58
N ARG A 32 -10.61 -3.07 7.42
CA ARG A 32 -9.57 -3.92 6.84
C ARG A 32 -8.23 -3.19 6.78
N ARG A 33 -8.23 -2.02 6.17
CA ARG A 33 -7.01 -1.23 6.05
C ARG A 33 -6.34 -1.05 7.42
N ILE A 34 -7.06 -0.40 8.33
CA ILE A 34 -6.53 -0.17 9.67
C ILE A 34 -6.07 -1.46 10.33
N GLU A 35 -6.71 -2.56 9.96
CA GLU A 35 -6.38 -3.87 10.50
C GLU A 35 -4.91 -4.21 10.22
N ILE A 36 -4.51 -4.10 8.96
CA ILE A 36 -3.13 -4.38 8.56
C ILE A 36 -2.22 -3.19 8.83
N ALA A 37 -2.81 -2.00 8.86
CA ALA A 37 -2.06 -0.77 9.10
C ALA A 37 -1.44 -0.78 10.49
N HIS A 38 -2.24 -1.14 11.49
CA HIS A 38 -1.77 -1.19 12.87
C HIS A 38 -1.06 -2.51 13.15
N ALA A 39 -1.52 -3.57 12.50
CA ALA A 39 -0.92 -4.89 12.68
C ALA A 39 0.50 -4.93 12.13
N LEU A 40 0.74 -4.18 11.06
CA LEU A 40 2.06 -4.13 10.44
C LEU A 40 2.89 -3.00 11.02
N CYS A 41 2.45 -2.45 12.15
CA CYS A 41 3.16 -1.37 12.81
C CYS A 41 3.33 -0.18 11.86
N LEU A 42 2.46 -0.08 10.87
CA LEU A 42 2.51 0.99 9.89
C LEU A 42 1.45 2.04 10.18
N THR A 43 1.42 3.09 9.37
CA THR A 43 0.45 4.17 9.54
C THR A 43 -0.62 4.12 8.45
N GLU A 44 -1.80 4.64 8.78
CA GLU A 44 -2.92 4.65 7.84
C GLU A 44 -2.48 5.27 6.50
N ARG A 45 -1.88 6.45 6.58
CA ARG A 45 -1.44 7.15 5.38
C ARG A 45 -0.50 6.27 4.55
N GLN A 46 0.43 5.61 5.23
CA GLN A 46 1.39 4.74 4.57
C GLN A 46 0.68 3.73 3.67
N ILE A 47 -0.28 3.01 4.25
CA ILE A 47 -1.04 2.02 3.51
C ILE A 47 -1.62 2.61 2.22
N LYS A 48 -2.23 3.78 2.34
CA LYS A 48 -2.82 4.46 1.19
C LYS A 48 -1.78 4.67 0.10
N ILE A 49 -0.60 5.13 0.49
CA ILE A 49 0.47 5.38 -0.47
C ILE A 49 0.90 4.08 -1.16
N TRP A 50 0.97 3.00 -0.39
CA TRP A 50 1.37 1.71 -0.93
C TRP A 50 0.50 1.34 -2.13
N PHE A 51 -0.80 1.19 -1.90
CA PHE A 51 -1.72 0.84 -2.96
C PHE A 51 -1.59 1.79 -4.14
N GLN A 52 -1.36 3.06 -3.85
CA GLN A 52 -1.21 4.07 -4.89
C GLN A 52 -0.01 3.77 -5.77
N ASN A 53 1.17 3.73 -5.16
CA ASN A 53 2.40 3.45 -5.89
C ASN A 53 2.33 2.10 -6.58
N ARG A 54 1.62 1.16 -5.97
CA ARG A 54 1.47 -0.19 -6.52
C ARG A 54 0.66 -0.15 -7.81
N ARG A 55 -0.56 0.34 -7.71
CA ARG A 55 -1.46 0.42 -8.87
C ARG A 55 -0.90 1.40 -9.92
N MET A 56 -0.11 2.36 -9.44
CA MET A 56 0.49 3.35 -10.33
C MET A 56 1.22 2.68 -11.49
N LYS A 57 1.73 1.47 -11.25
CA LYS A 57 2.45 0.73 -12.27
C LYS A 57 1.48 -0.14 -13.08
N LEU A 58 0.61 -0.86 -12.39
CA LEU A 58 -0.36 -1.73 -13.03
C LEU A 58 -1.76 -1.11 -13.00
N LYS A 59 -2.08 -0.34 -14.03
CA LYS A 59 -3.38 0.31 -14.12
C LYS A 59 -3.97 0.18 -15.52
N LYS A 60 -5.21 0.59 -15.68
CA LYS A 60 -5.89 0.52 -16.97
C LYS A 60 -5.85 1.87 -17.68
N GLU A 61 -5.99 1.84 -18.99
CA GLU A 61 -5.98 3.06 -19.79
C GLU A 61 -7.32 3.27 -20.48
N LEU A 62 -7.44 4.39 -21.21
CA LEU A 62 -8.66 4.71 -21.93
C LEU A 62 -8.48 4.56 -23.43
N GLY A 1 -2.85 15.28 -1.32
CA GLY A 1 -1.60 15.90 -0.94
C GLY A 1 -0.40 15.14 -1.47
N THR A 2 0.57 15.88 -2.01
CA THR A 2 1.77 15.27 -2.56
C THR A 2 2.95 16.24 -2.49
N ARG A 3 2.95 17.11 -1.50
CA ARG A 3 4.01 18.08 -1.33
C ARG A 3 4.95 17.67 -0.19
N ARG A 4 5.35 16.40 -0.19
CA ARG A 4 6.25 15.88 0.84
C ARG A 4 7.13 14.77 0.28
N ARG A 5 8.35 14.67 0.81
CA ARG A 5 9.30 13.66 0.36
C ARG A 5 10.32 13.36 1.44
N GLY A 6 10.60 12.08 1.66
CA GLY A 6 11.56 11.68 2.66
C GLY A 6 12.01 10.24 2.50
N ARG A 7 11.08 9.30 2.69
CA ARG A 7 11.38 7.89 2.57
C ARG A 7 10.13 7.09 2.21
N GLN A 8 10.12 6.55 1.00
CA GLN A 8 8.98 5.77 0.53
C GLN A 8 9.42 4.37 0.09
N THR A 9 10.44 3.83 0.76
CA THR A 9 10.96 2.51 0.44
C THR A 9 10.15 1.42 1.12
N TYR A 10 9.96 0.30 0.44
CA TYR A 10 9.21 -0.82 0.98
C TYR A 10 10.07 -2.07 1.06
N THR A 11 9.93 -2.81 2.15
CA THR A 11 10.69 -4.04 2.35
C THR A 11 10.05 -5.21 1.62
N ARG A 12 10.82 -6.29 1.45
CA ARG A 12 10.33 -7.48 0.76
C ARG A 12 9.10 -8.04 1.47
N PHE A 13 9.09 -7.92 2.79
CA PHE A 13 7.97 -8.43 3.58
C PHE A 13 6.70 -7.62 3.32
N GLN A 14 6.88 -6.37 2.91
CA GLN A 14 5.75 -5.48 2.63
C GLN A 14 5.22 -5.72 1.22
N THR A 15 6.13 -5.78 0.25
CA THR A 15 5.76 -6.01 -1.14
C THR A 15 5.08 -7.36 -1.32
N LEU A 16 5.62 -8.38 -0.66
CA LEU A 16 5.08 -9.73 -0.74
C LEU A 16 3.74 -9.82 -0.01
N GLU A 17 3.72 -9.35 1.23
CA GLU A 17 2.50 -9.38 2.04
C GLU A 17 1.39 -8.56 1.38
N LEU A 18 1.68 -7.29 1.12
CA LEU A 18 0.71 -6.40 0.50
C LEU A 18 0.17 -7.01 -0.79
N GLU A 19 1.08 -7.51 -1.62
CA GLU A 19 0.69 -8.12 -2.89
C GLU A 19 -0.13 -9.39 -2.66
N LYS A 20 0.13 -10.05 -1.54
CA LYS A 20 -0.58 -11.29 -1.20
C LYS A 20 -2.08 -11.03 -1.06
N GLU A 21 -2.42 -9.97 -0.33
CA GLU A 21 -3.82 -9.61 -0.12
C GLU A 21 -4.35 -8.78 -1.27
N PHE A 22 -3.47 -7.98 -1.88
CA PHE A 22 -3.86 -7.12 -2.99
C PHE A 22 -4.18 -7.96 -4.22
N HIS A 23 -3.47 -9.08 -4.39
CA HIS A 23 -3.70 -9.96 -5.52
C HIS A 23 -5.12 -10.50 -5.52
N PHE A 24 -5.56 -11.00 -4.37
CA PHE A 24 -6.90 -11.56 -4.25
C PHE A 24 -7.96 -10.48 -4.51
N ASN A 25 -7.62 -9.23 -4.18
CA ASN A 25 -8.54 -8.12 -4.39
C ASN A 25 -7.90 -6.81 -3.93
N HIS A 26 -8.25 -5.72 -4.63
CA HIS A 26 -7.71 -4.41 -4.30
C HIS A 26 -8.78 -3.53 -3.65
N TYR A 27 -8.80 -3.52 -2.32
CA TYR A 27 -9.79 -2.73 -1.58
C TYR A 27 -9.56 -2.86 -0.08
N LEU A 28 -9.54 -1.73 0.62
CA LEU A 28 -9.35 -1.72 2.05
C LEU A 28 -10.26 -0.69 2.72
N THR A 29 -10.81 -1.06 3.88
CA THR A 29 -11.70 -0.18 4.61
C THR A 29 -10.94 0.56 5.73
N ARG A 30 -11.68 1.33 6.51
CA ARG A 30 -11.08 2.09 7.61
C ARG A 30 -10.39 1.16 8.61
N ARG A 31 -11.17 0.29 9.23
CA ARG A 31 -10.64 -0.66 10.21
C ARG A 31 -9.60 -1.55 9.57
N ARG A 32 -9.79 -1.88 8.30
CA ARG A 32 -8.87 -2.74 7.57
C ARG A 32 -7.51 -2.07 7.42
N ARG A 33 -7.51 -0.84 6.92
CA ARG A 33 -6.27 -0.09 6.72
C ARG A 33 -5.45 -0.05 8.00
N ILE A 34 -6.02 0.53 9.05
CA ILE A 34 -5.32 0.63 10.33
C ILE A 34 -4.84 -0.73 10.80
N GLU A 35 -5.58 -1.77 10.43
CA GLU A 35 -5.24 -3.14 10.81
C GLU A 35 -3.83 -3.50 10.33
N ILE A 36 -3.59 -3.30 9.04
CA ILE A 36 -2.28 -3.59 8.47
C ILE A 36 -1.29 -2.45 8.71
N ALA A 37 -1.83 -1.26 8.95
CA ALA A 37 -0.99 -0.09 9.19
C ALA A 37 -0.25 -0.22 10.52
N HIS A 38 -0.96 -0.64 11.55
CA HIS A 38 -0.36 -0.81 12.87
C HIS A 38 0.32 -2.17 12.99
N ALA A 39 -0.20 -3.15 12.27
CA ALA A 39 0.36 -4.50 12.29
C ALA A 39 1.68 -4.56 11.52
N LEU A 40 1.67 -4.01 10.31
CA LEU A 40 2.86 -4.00 9.46
C LEU A 40 3.79 -2.85 9.84
N CYS A 41 3.38 -2.08 10.84
CA CYS A 41 4.18 -0.95 11.32
C CYS A 41 4.32 0.11 10.22
N LEU A 42 3.37 0.12 9.29
CA LEU A 42 3.38 1.07 8.20
C LEU A 42 2.43 2.23 8.48
N THR A 43 2.38 3.19 7.55
CA THR A 43 1.51 4.35 7.70
C THR A 43 0.24 4.20 6.88
N GLU A 44 -0.86 4.74 7.41
CA GLU A 44 -2.14 4.66 6.73
C GLU A 44 -2.04 5.21 5.30
N ARG A 45 -1.36 6.34 5.16
CA ARG A 45 -1.18 6.97 3.85
C ARG A 45 -0.31 6.10 2.95
N GLN A 46 0.76 5.54 3.51
CA GLN A 46 1.67 4.69 2.76
C GLN A 46 0.92 3.57 2.05
N ILE A 47 0.02 2.92 2.79
CA ILE A 47 -0.77 1.82 2.23
C ILE A 47 -1.66 2.31 1.09
N LYS A 48 -2.38 3.40 1.34
CA LYS A 48 -3.27 3.97 0.33
C LYS A 48 -2.53 4.19 -0.99
N ILE A 49 -1.48 5.00 -0.95
CA ILE A 49 -0.68 5.29 -2.13
C ILE A 49 -0.18 4.00 -2.77
N TRP A 50 0.30 3.08 -1.95
CA TRP A 50 0.82 1.81 -2.44
C TRP A 50 -0.20 1.13 -3.36
N PHE A 51 -1.43 1.02 -2.89
CA PHE A 51 -2.50 0.40 -3.67
C PHE A 51 -2.69 1.10 -5.00
N GLN A 52 -2.59 2.43 -4.97
CA GLN A 52 -2.75 3.23 -6.18
C GLN A 52 -1.58 3.03 -7.13
N ASN A 53 -0.39 2.87 -6.57
CA ASN A 53 0.82 2.67 -7.37
C ASN A 53 0.79 1.30 -8.06
N ARG A 54 0.32 0.29 -7.33
CA ARG A 54 0.25 -1.06 -7.88
C ARG A 54 -0.80 -1.15 -8.98
N ARG A 55 -1.95 -0.51 -8.76
CA ARG A 55 -3.03 -0.51 -9.74
C ARG A 55 -2.63 0.26 -10.99
N MET A 56 -1.74 1.23 -10.83
CA MET A 56 -1.27 2.04 -11.95
C MET A 56 -0.50 1.19 -12.94
N LYS A 57 0.22 0.20 -12.45
CA LYS A 57 1.00 -0.69 -13.30
C LYS A 57 0.21 -1.94 -13.66
N LEU A 58 -0.72 -2.31 -12.80
CA LEU A 58 -1.56 -3.49 -13.03
C LEU A 58 -2.21 -3.44 -14.41
N LYS A 59 -3.00 -2.40 -14.64
CA LYS A 59 -3.68 -2.22 -15.92
C LYS A 59 -3.99 -0.76 -16.17
N LYS A 60 -3.05 -0.05 -16.81
CA LYS A 60 -3.23 1.36 -17.12
C LYS A 60 -2.01 1.91 -17.86
N GLU A 61 -0.83 1.42 -17.50
CA GLU A 61 0.40 1.86 -18.14
C GLU A 61 0.85 0.87 -19.20
N LEU A 62 1.43 1.39 -20.29
CA LEU A 62 1.90 0.55 -21.38
C LEU A 62 3.41 0.66 -21.54
N GLY A 1 3.31 13.70 -16.76
CA GLY A 1 4.35 13.48 -15.77
C GLY A 1 3.96 14.02 -14.40
N THR A 2 3.50 13.12 -13.53
CA THR A 2 3.09 13.50 -12.19
C THR A 2 3.35 12.37 -11.19
N ARG A 3 3.65 12.74 -9.94
CA ARG A 3 3.91 11.75 -8.91
C ARG A 3 4.01 12.42 -7.54
N ARG A 4 4.03 11.61 -6.49
CA ARG A 4 4.13 12.13 -5.13
C ARG A 4 5.57 12.48 -4.77
N ARG A 5 5.81 12.80 -3.51
CA ARG A 5 7.14 13.14 -3.04
C ARG A 5 7.28 12.88 -1.55
N GLY A 6 8.03 11.84 -1.20
CA GLY A 6 8.24 11.50 0.20
C GLY A 6 9.27 10.40 0.38
N ARG A 7 9.41 9.93 1.61
CA ARG A 7 10.37 8.88 1.93
C ARG A 7 9.65 7.62 2.41
N GLN A 8 9.41 6.69 1.49
CA GLN A 8 8.74 5.44 1.83
C GLN A 8 9.74 4.38 2.28
N THR A 9 9.51 3.83 3.47
CA THR A 9 10.39 2.81 4.01
C THR A 9 9.66 1.48 4.16
N TYR A 10 9.71 0.66 3.11
CA TYR A 10 9.06 -0.65 3.13
C TYR A 10 10.05 -1.76 2.82
N THR A 11 9.92 -2.87 3.54
CA THR A 11 10.81 -4.01 3.33
C THR A 11 10.19 -5.02 2.37
N ARG A 12 10.98 -6.03 1.99
CA ARG A 12 10.52 -7.06 1.07
C ARG A 12 9.20 -7.67 1.56
N PHE A 13 9.10 -7.85 2.88
CA PHE A 13 7.90 -8.42 3.47
C PHE A 13 6.70 -7.51 3.26
N GLN A 14 6.95 -6.20 3.29
CA GLN A 14 5.89 -5.21 3.12
C GLN A 14 5.52 -5.09 1.64
N THR A 15 6.53 -4.96 0.79
CA THR A 15 6.31 -4.82 -0.65
C THR A 15 5.55 -6.03 -1.20
N LEU A 16 5.93 -7.22 -0.76
CA LEU A 16 5.29 -8.45 -1.21
C LEU A 16 3.88 -8.58 -0.62
N GLU A 17 3.81 -8.51 0.71
CA GLU A 17 2.52 -8.63 1.39
C GLU A 17 1.53 -7.60 0.87
N LEU A 18 1.91 -6.32 0.96
CA LEU A 18 1.05 -5.24 0.49
C LEU A 18 0.61 -5.47 -0.95
N GLU A 19 1.54 -5.96 -1.77
CA GLU A 19 1.26 -6.22 -3.18
C GLU A 19 0.34 -7.44 -3.33
N LYS A 20 0.38 -8.32 -2.34
CA LYS A 20 -0.45 -9.52 -2.36
C LYS A 20 -1.93 -9.17 -2.27
N GLU A 21 -2.31 -8.49 -1.19
CA GLU A 21 -3.70 -8.09 -0.99
C GLU A 21 -4.11 -7.03 -2.01
N PHE A 22 -3.12 -6.26 -2.49
CA PHE A 22 -3.38 -5.21 -3.46
C PHE A 22 -3.55 -5.80 -4.86
N HIS A 23 -2.95 -6.95 -5.09
CA HIS A 23 -3.02 -7.61 -6.39
C HIS A 23 -4.48 -7.84 -6.80
N PHE A 24 -5.26 -8.41 -5.88
CA PHE A 24 -6.67 -8.68 -6.14
C PHE A 24 -7.43 -7.39 -6.42
N ASN A 25 -7.22 -6.40 -5.55
CA ASN A 25 -7.89 -5.12 -5.70
C ASN A 25 -7.36 -4.11 -4.69
N HIS A 26 -7.79 -2.85 -4.83
CA HIS A 26 -7.36 -1.79 -3.92
C HIS A 26 -8.53 -1.24 -3.12
N TYR A 27 -8.73 -1.79 -1.92
CA TYR A 27 -9.82 -1.35 -1.05
C TYR A 27 -9.80 -2.10 0.26
N LEU A 28 -9.92 -1.36 1.36
CA LEU A 28 -9.91 -1.95 2.69
C LEU A 28 -10.64 -1.06 3.69
N THR A 29 -11.32 -1.69 4.65
CA THR A 29 -12.06 -0.96 5.66
C THR A 29 -11.20 -0.67 6.88
N ARG A 30 -11.77 0.04 7.85
CA ARG A 30 -11.05 0.38 9.07
C ARG A 30 -10.43 -0.86 9.71
N ARG A 31 -11.23 -1.91 9.82
CA ARG A 31 -10.76 -3.16 10.41
C ARG A 31 -9.63 -3.76 9.59
N ARG A 32 -9.89 -4.00 8.31
CA ARG A 32 -8.89 -4.57 7.42
C ARG A 32 -7.59 -3.78 7.48
N ARG A 33 -7.68 -2.48 7.24
CA ARG A 33 -6.51 -1.61 7.27
C ARG A 33 -5.74 -1.79 8.57
N ILE A 34 -6.38 -1.47 9.69
CA ILE A 34 -5.75 -1.60 11.00
C ILE A 34 -5.17 -2.99 11.20
N GLU A 35 -5.82 -3.99 10.59
CA GLU A 35 -5.38 -5.37 10.70
C GLU A 35 -3.93 -5.52 10.24
N ILE A 36 -3.65 -5.03 9.04
CA ILE A 36 -2.29 -5.10 8.48
C ILE A 36 -1.42 -3.98 9.02
N ALA A 37 -2.06 -2.89 9.45
CA ALA A 37 -1.35 -1.74 9.98
C ALA A 37 -0.64 -2.09 11.30
N HIS A 38 -1.35 -2.79 12.17
CA HIS A 38 -0.79 -3.19 13.46
C HIS A 38 0.02 -4.47 13.32
N ALA A 39 -0.38 -5.33 12.39
CA ALA A 39 0.31 -6.59 12.15
C ALA A 39 1.65 -6.36 11.47
N LEU A 40 1.67 -5.48 10.48
CA LEU A 40 2.89 -5.17 9.75
C LEU A 40 3.72 -4.12 10.48
N CYS A 41 3.25 -3.72 11.66
CA CYS A 41 3.95 -2.73 12.46
C CYS A 41 4.03 -1.39 11.72
N LEU A 42 3.12 -1.17 10.80
CA LEU A 42 3.09 0.06 10.02
C LEU A 42 2.05 1.03 10.59
N THR A 43 1.95 2.20 9.96
CA THR A 43 0.99 3.22 10.41
C THR A 43 -0.26 3.21 9.53
N GLU A 44 -1.40 3.51 10.15
CA GLU A 44 -2.67 3.53 9.43
C GLU A 44 -2.56 4.39 8.16
N ARG A 45 -1.81 5.49 8.27
CA ARG A 45 -1.63 6.39 7.14
C ARG A 45 -0.81 5.74 6.04
N GLN A 46 0.28 5.08 6.42
CA GLN A 46 1.15 4.42 5.47
C GLN A 46 0.36 3.44 4.60
N ILE A 47 -0.50 2.65 5.24
CA ILE A 47 -1.32 1.68 4.53
C ILE A 47 -2.23 2.36 3.52
N LYS A 48 -2.89 3.44 3.96
CA LYS A 48 -3.79 4.18 3.10
C LYS A 48 -3.05 4.79 1.92
N ILE A 49 -1.99 5.54 2.21
CA ILE A 49 -1.18 6.16 1.16
C ILE A 49 -0.60 5.13 0.21
N TRP A 50 -0.09 4.03 0.77
CA TRP A 50 0.49 2.96 -0.02
C TRP A 50 -0.47 2.51 -1.11
N PHE A 51 -1.73 2.30 -0.74
CA PHE A 51 -2.75 1.86 -1.68
C PHE A 51 -3.08 2.97 -2.67
N GLN A 52 -2.87 4.22 -2.26
CA GLN A 52 -3.15 5.36 -3.12
C GLN A 52 -2.07 5.51 -4.19
N ASN A 53 -0.81 5.49 -3.76
CA ASN A 53 0.31 5.63 -4.68
C ASN A 53 0.32 4.48 -5.70
N ARG A 54 0.20 3.26 -5.19
CA ARG A 54 0.19 2.08 -6.06
C ARG A 54 -0.90 2.19 -7.11
N ARG A 55 -2.13 2.39 -6.66
CA ARG A 55 -3.28 2.51 -7.56
C ARG A 55 -3.12 3.71 -8.49
N MET A 56 -2.36 4.71 -8.03
CA MET A 56 -2.14 5.92 -8.82
C MET A 56 -1.64 5.56 -10.21
N LYS A 57 -0.70 4.62 -10.28
CA LYS A 57 -0.12 4.20 -11.55
C LYS A 57 -0.64 2.81 -11.94
N LEU A 58 -0.44 1.84 -11.07
CA LEU A 58 -0.88 0.48 -11.32
C LEU A 58 -0.33 -0.05 -12.64
N LYS A 59 0.82 0.49 -13.05
CA LYS A 59 1.47 0.07 -14.29
C LYS A 59 0.55 0.32 -15.48
N LYS A 60 0.99 -0.14 -16.65
CA LYS A 60 0.20 0.03 -17.87
C LYS A 60 -0.78 -1.13 -18.06
N GLU A 61 -1.95 -0.82 -18.59
CA GLU A 61 -2.98 -1.84 -18.80
C GLU A 61 -3.11 -2.16 -20.29
N LEU A 62 -1.97 -2.28 -20.97
CA LEU A 62 -1.96 -2.60 -22.39
C LEU A 62 -1.52 -4.03 -22.63
N GLY A 1 16.36 14.96 -14.88
CA GLY A 1 15.54 14.02 -15.61
C GLY A 1 15.28 12.74 -14.82
N THR A 2 14.11 12.14 -15.03
CA THR A 2 13.73 10.93 -14.32
C THR A 2 13.84 11.11 -12.82
N ARG A 3 13.55 12.31 -12.34
CA ARG A 3 13.61 12.61 -10.92
C ARG A 3 12.65 11.72 -10.13
N ARG A 4 11.38 11.72 -10.53
CA ARG A 4 10.36 10.91 -9.86
C ARG A 4 10.36 11.18 -8.36
N ARG A 5 10.02 12.42 -7.99
CA ARG A 5 9.98 12.80 -6.59
C ARG A 5 9.01 11.92 -5.81
N GLY A 6 9.32 11.71 -4.53
CA GLY A 6 8.46 10.88 -3.70
C GLY A 6 8.87 10.93 -2.23
N ARG A 7 7.92 10.63 -1.35
CA ARG A 7 8.17 10.65 0.08
C ARG A 7 7.54 9.42 0.76
N GLN A 8 8.34 8.39 0.94
CA GLN A 8 7.86 7.16 1.57
C GLN A 8 9.02 6.19 1.84
N THR A 9 8.85 5.35 2.85
CA THR A 9 9.89 4.38 3.20
C THR A 9 9.26 3.10 3.74
N TYR A 10 9.11 2.10 2.88
CA TYR A 10 8.53 0.82 3.27
C TYR A 10 9.57 -0.29 3.20
N THR A 11 9.51 -1.22 4.16
CA THR A 11 10.43 -2.33 4.21
C THR A 11 9.95 -3.50 3.35
N ARG A 12 10.84 -4.44 3.08
CA ARG A 12 10.50 -5.60 2.27
C ARG A 12 9.24 -6.28 2.81
N PHE A 13 9.25 -6.61 4.10
CA PHE A 13 8.12 -7.28 4.73
C PHE A 13 6.83 -6.50 4.48
N GLN A 14 6.96 -5.19 4.31
CA GLN A 14 5.81 -4.33 4.07
C GLN A 14 5.43 -4.33 2.59
N THR A 15 6.43 -4.29 1.73
CA THR A 15 6.22 -4.29 0.29
C THR A 15 5.60 -5.60 -0.18
N LEU A 16 6.05 -6.70 0.40
CA LEU A 16 5.54 -8.02 0.05
C LEU A 16 4.15 -8.24 0.65
N GLU A 17 4.00 -7.88 1.91
CA GLU A 17 2.71 -8.04 2.59
C GLU A 17 1.66 -7.14 1.97
N LEU A 18 1.95 -5.85 1.89
CA LEU A 18 1.02 -4.88 1.31
C LEU A 18 0.64 -5.27 -0.11
N GLU A 19 1.61 -5.80 -0.85
CA GLU A 19 1.37 -6.21 -2.23
C GLU A 19 0.63 -7.55 -2.27
N LYS A 20 0.78 -8.35 -1.22
CA LYS A 20 0.14 -9.64 -1.14
C LYS A 20 -1.38 -9.50 -1.14
N GLU A 21 -1.89 -8.64 -0.25
CA GLU A 21 -3.33 -8.41 -0.16
C GLU A 21 -3.83 -7.60 -1.35
N PHE A 22 -3.03 -6.61 -1.76
CA PHE A 22 -3.39 -5.76 -2.89
C PHE A 22 -3.40 -6.56 -4.19
N HIS A 23 -2.62 -7.64 -4.23
CA HIS A 23 -2.53 -8.48 -5.41
C HIS A 23 -3.93 -8.90 -5.88
N PHE A 24 -4.69 -9.49 -4.98
CA PHE A 24 -6.04 -9.95 -5.29
C PHE A 24 -6.95 -8.77 -5.64
N ASN A 25 -6.87 -7.72 -4.82
CA ASN A 25 -7.69 -6.52 -5.04
C ASN A 25 -7.39 -5.47 -3.97
N HIS A 26 -7.86 -4.25 -4.22
CA HIS A 26 -7.65 -3.15 -3.29
C HIS A 26 -8.94 -2.80 -2.55
N TYR A 27 -9.11 -3.38 -1.37
CA TYR A 27 -10.31 -3.14 -0.57
C TYR A 27 -10.24 -3.89 0.75
N LEU A 28 -10.54 -3.20 1.85
CA LEU A 28 -10.51 -3.80 3.17
C LEU A 28 -11.44 -3.06 4.12
N THR A 29 -12.04 -3.80 5.05
CA THR A 29 -12.95 -3.21 6.02
C THR A 29 -12.20 -2.72 7.26
N ARG A 30 -12.94 -2.19 8.23
CA ARG A 30 -12.35 -1.69 9.45
C ARG A 30 -11.42 -2.73 10.08
N ARG A 31 -12.00 -3.87 10.47
CA ARG A 31 -11.23 -4.94 11.08
C ARG A 31 -10.05 -5.33 10.20
N ARG A 32 -10.32 -5.56 8.93
CA ARG A 32 -9.28 -5.94 7.98
C ARG A 32 -8.10 -4.97 8.04
N ARG A 33 -8.39 -3.68 7.85
CA ARG A 33 -7.37 -2.65 7.89
C ARG A 33 -6.52 -2.77 9.16
N ILE A 34 -7.16 -2.58 10.31
CA ILE A 34 -6.48 -2.65 11.59
C ILE A 34 -5.70 -3.95 11.71
N GLU A 35 -6.22 -5.02 11.11
CA GLU A 35 -5.57 -6.32 11.15
C GLU A 35 -4.14 -6.23 10.65
N ILE A 36 -3.96 -5.67 9.45
CA ILE A 36 -2.64 -5.53 8.85
C ILE A 36 -1.93 -4.29 9.40
N ALA A 37 -2.70 -3.34 9.89
CA ALA A 37 -2.14 -2.12 10.45
C ALA A 37 -1.39 -2.39 11.75
N HIS A 38 -1.97 -3.26 12.59
CA HIS A 38 -1.36 -3.61 13.86
C HIS A 38 -0.32 -4.71 13.67
N ALA A 39 -0.56 -5.60 12.71
CA ALA A 39 0.36 -6.70 12.44
C ALA A 39 1.61 -6.19 11.72
N LEU A 40 1.41 -5.37 10.70
CA LEU A 40 2.52 -4.82 9.93
C LEU A 40 3.11 -3.59 10.63
N CYS A 41 2.54 -3.24 11.77
CA CYS A 41 3.01 -2.08 12.53
C CYS A 41 2.82 -0.79 11.73
N LEU A 42 1.91 -0.82 10.77
CA LEU A 42 1.64 0.34 9.93
C LEU A 42 0.41 1.09 10.43
N THR A 43 0.08 2.19 9.75
CA THR A 43 -1.08 3.00 10.12
C THR A 43 -2.24 2.75 9.16
N GLU A 44 -3.46 2.87 9.69
CA GLU A 44 -4.66 2.66 8.89
C GLU A 44 -4.61 3.52 7.61
N ARG A 45 -4.09 4.73 7.74
CA ARG A 45 -3.99 5.64 6.60
C ARG A 45 -2.92 5.17 5.63
N GLN A 46 -1.83 4.63 6.16
CA GLN A 46 -0.73 4.15 5.34
C GLN A 46 -1.21 3.06 4.39
N ILE A 47 -1.91 2.07 4.92
CA ILE A 47 -2.41 0.97 4.11
C ILE A 47 -3.41 1.47 3.07
N LYS A 48 -4.28 2.39 3.47
CA LYS A 48 -5.28 2.96 2.58
C LYS A 48 -4.62 3.64 1.39
N ILE A 49 -3.72 4.58 1.68
CA ILE A 49 -3.01 5.31 0.63
C ILE A 49 -2.13 4.37 -0.19
N TRP A 50 -1.40 3.50 0.50
CA TRP A 50 -0.52 2.55 -0.18
C TRP A 50 -1.27 1.78 -1.25
N PHE A 51 -2.52 1.43 -0.96
CA PHE A 51 -3.35 0.68 -1.90
C PHE A 51 -3.70 1.54 -3.11
N GLN A 52 -4.09 2.78 -2.85
CA GLN A 52 -4.45 3.71 -3.91
C GLN A 52 -3.27 4.00 -4.83
N ASN A 53 -2.12 4.24 -4.23
CA ASN A 53 -0.90 4.53 -4.99
C ASN A 53 -0.55 3.35 -5.90
N ARG A 54 -0.50 2.15 -5.33
CA ARG A 54 -0.17 0.96 -6.09
C ARG A 54 -1.09 0.81 -7.30
N ARG A 55 -2.35 1.21 -7.14
CA ARG A 55 -3.33 1.13 -8.21
C ARG A 55 -3.01 2.12 -9.32
N MET A 56 -2.46 3.27 -8.94
CA MET A 56 -2.10 4.30 -9.90
C MET A 56 -1.23 3.73 -11.02
N LYS A 57 -0.38 2.78 -10.66
CA LYS A 57 0.51 2.15 -11.64
C LYS A 57 -0.28 1.25 -12.58
N LEU A 58 -1.21 0.49 -12.03
CA LEU A 58 -2.03 -0.41 -12.83
C LEU A 58 -2.74 0.34 -13.95
N LYS A 59 -3.08 1.60 -13.68
CA LYS A 59 -3.75 2.44 -14.66
C LYS A 59 -2.86 2.69 -15.87
N LYS A 60 -1.56 2.78 -15.63
CA LYS A 60 -0.60 3.02 -16.69
C LYS A 60 -0.96 4.27 -17.49
N GLU A 61 -0.81 5.43 -16.87
CA GLU A 61 -1.13 6.70 -17.52
C GLU A 61 -0.28 6.89 -18.78
N LEU A 62 -0.89 7.46 -19.81
CA LEU A 62 -0.20 7.70 -21.07
C LEU A 62 0.91 8.72 -20.90
N GLY A 1 1.08 17.92 -8.02
CA GLY A 1 2.50 17.64 -7.90
C GLY A 1 2.93 17.43 -6.45
N THR A 2 3.54 16.29 -6.19
CA THR A 2 3.99 15.96 -4.84
C THR A 2 5.50 15.78 -4.79
N ARG A 3 6.22 16.89 -4.59
CA ARG A 3 7.67 16.86 -4.53
C ARG A 3 8.15 16.80 -3.08
N ARG A 4 7.60 15.87 -2.32
CA ARG A 4 7.98 15.72 -0.91
C ARG A 4 8.77 14.43 -0.70
N ARG A 5 10.09 14.52 -0.86
CA ARG A 5 10.95 13.37 -0.69
C ARG A 5 11.41 13.24 0.76
N GLY A 6 12.11 12.14 1.06
CA GLY A 6 12.59 11.92 2.41
C GLY A 6 11.83 10.82 3.12
N ARG A 7 11.87 9.62 2.55
CA ARG A 7 11.17 8.47 3.12
C ARG A 7 11.89 7.17 2.76
N GLN A 8 11.80 6.20 3.66
CA GLN A 8 12.44 4.90 3.44
C GLN A 8 11.56 3.99 2.59
N THR A 9 12.20 3.14 1.79
CA THR A 9 11.47 2.22 0.92
C THR A 9 10.86 1.08 1.73
N TYR A 10 9.73 0.57 1.25
CA TYR A 10 9.05 -0.53 1.92
C TYR A 10 9.96 -1.73 2.08
N THR A 11 9.63 -2.61 3.02
CA THR A 11 10.43 -3.81 3.27
C THR A 11 9.90 -5.00 2.48
N ARG A 12 10.62 -6.11 2.53
CA ARG A 12 10.23 -7.32 1.83
C ARG A 12 8.88 -7.83 2.34
N PHE A 13 8.72 -7.83 3.65
CA PHE A 13 7.48 -8.30 4.27
C PHE A 13 6.32 -7.40 3.88
N GLN A 14 6.61 -6.14 3.58
CA GLN A 14 5.59 -5.17 3.20
C GLN A 14 5.24 -5.29 1.72
N THR A 15 6.26 -5.17 0.87
CA THR A 15 6.06 -5.26 -0.57
C THR A 15 5.42 -6.60 -0.95
N LEU A 16 5.78 -7.65 -0.22
CA LEU A 16 5.26 -8.98 -0.48
C LEU A 16 3.82 -9.10 0.04
N GLU A 17 3.65 -8.92 1.34
CA GLU A 17 2.32 -9.01 1.96
C GLU A 17 1.33 -8.10 1.24
N LEU A 18 1.69 -6.83 1.09
CA LEU A 18 0.82 -5.87 0.42
C LEU A 18 0.43 -6.36 -0.96
N GLU A 19 1.43 -6.70 -1.77
CA GLU A 19 1.18 -7.19 -3.13
C GLU A 19 0.34 -8.45 -3.11
N LYS A 20 0.44 -9.21 -2.02
CA LYS A 20 -0.31 -10.44 -1.87
C LYS A 20 -1.81 -10.18 -1.92
N GLU A 21 -2.29 -9.32 -1.02
CA GLU A 21 -3.70 -8.98 -0.96
C GLU A 21 -4.09 -8.03 -2.10
N PHE A 22 -3.15 -7.15 -2.45
CA PHE A 22 -3.39 -6.18 -3.52
C PHE A 22 -3.58 -6.89 -4.86
N HIS A 23 -2.88 -8.01 -5.03
CA HIS A 23 -2.98 -8.78 -6.27
C HIS A 23 -4.39 -9.34 -6.45
N PHE A 24 -4.91 -9.96 -5.40
CA PHE A 24 -6.24 -10.55 -5.45
C PHE A 24 -7.31 -9.46 -5.64
N ASN A 25 -7.05 -8.28 -5.08
CA ASN A 25 -7.97 -7.16 -5.19
C ASN A 25 -7.42 -5.92 -4.49
N HIS A 26 -7.77 -4.75 -5.01
CA HIS A 26 -7.31 -3.49 -4.44
C HIS A 26 -8.46 -2.76 -3.75
N TYR A 27 -8.57 -2.96 -2.44
CA TYR A 27 -9.63 -2.32 -1.66
C TYR A 27 -9.52 -2.69 -0.19
N LEU A 28 -9.60 -1.69 0.67
CA LEU A 28 -9.51 -1.91 2.11
C LEU A 28 -10.46 -0.98 2.87
N THR A 29 -11.09 -1.50 3.91
CA THR A 29 -12.02 -0.72 4.72
C THR A 29 -11.31 -0.08 5.91
N ARG A 30 -12.08 0.63 6.73
CA ARG A 30 -11.53 1.29 7.90
C ARG A 30 -10.78 0.29 8.79
N ARG A 31 -11.51 -0.69 9.31
CA ARG A 31 -10.92 -1.70 10.17
C ARG A 31 -9.80 -2.45 9.45
N ARG A 32 -10.05 -2.80 8.19
CA ARG A 32 -9.06 -3.52 7.38
C ARG A 32 -7.72 -2.80 7.41
N ARG A 33 -7.73 -1.53 7.04
CA ARG A 33 -6.51 -0.73 7.01
C ARG A 33 -5.78 -0.81 8.35
N ILE A 34 -6.44 -0.34 9.41
CA ILE A 34 -5.85 -0.36 10.74
C ILE A 34 -5.37 -1.77 11.10
N GLU A 35 -6.05 -2.78 10.57
CA GLU A 35 -5.69 -4.17 10.84
C GLU A 35 -4.24 -4.44 10.45
N ILE A 36 -3.90 -4.10 9.20
CA ILE A 36 -2.54 -4.31 8.71
C ILE A 36 -1.61 -3.18 9.14
N ALA A 37 -2.19 -2.02 9.45
CA ALA A 37 -1.42 -0.87 9.88
C ALA A 37 -0.77 -1.12 11.23
N HIS A 38 -1.55 -1.66 12.17
CA HIS A 38 -1.04 -1.96 13.50
C HIS A 38 -0.32 -3.30 13.53
N ALA A 39 -0.77 -4.22 12.69
CA ALA A 39 -0.17 -5.55 12.61
C ALA A 39 1.19 -5.50 11.94
N LEU A 40 1.27 -4.81 10.80
CA LEU A 40 2.52 -4.68 10.06
C LEU A 40 3.39 -3.58 10.67
N CYS A 41 2.89 -2.94 11.71
CA CYS A 41 3.63 -1.87 12.37
C CYS A 41 3.83 -0.69 11.44
N LEU A 42 2.95 -0.58 10.44
CA LEU A 42 3.04 0.51 9.47
C LEU A 42 2.04 1.62 9.82
N THR A 43 2.05 2.68 9.01
CA THR A 43 1.15 3.81 9.23
C THR A 43 -0.09 3.72 8.35
N GLU A 44 -1.21 4.19 8.86
CA GLU A 44 -2.47 4.15 8.11
C GLU A 44 -2.31 4.85 6.76
N ARG A 45 -1.55 5.94 6.75
CA ARG A 45 -1.32 6.70 5.52
C ARG A 45 -0.47 5.90 4.55
N GLN A 46 0.56 5.24 5.06
CA GLN A 46 1.46 4.44 4.24
C GLN A 46 0.67 3.46 3.37
N ILE A 47 -0.26 2.75 3.99
CA ILE A 47 -1.08 1.78 3.28
C ILE A 47 -1.94 2.47 2.21
N LYS A 48 -2.64 3.51 2.61
CA LYS A 48 -3.50 4.26 1.70
C LYS A 48 -2.72 4.72 0.47
N ILE A 49 -1.62 5.43 0.70
CA ILE A 49 -0.78 5.91 -0.39
C ILE A 49 -0.24 4.75 -1.23
N TRP A 50 0.18 3.69 -0.56
CA TRP A 50 0.72 2.52 -1.24
C TRP A 50 -0.24 2.03 -2.32
N PHE A 51 -1.52 1.93 -1.96
CA PHE A 51 -2.54 1.48 -2.90
C PHE A 51 -2.67 2.44 -4.08
N GLN A 52 -2.64 3.73 -3.78
CA GLN A 52 -2.75 4.75 -4.82
C GLN A 52 -1.56 4.69 -5.78
N ASN A 53 -0.36 4.76 -5.23
CA ASN A 53 0.85 4.71 -6.04
C ASN A 53 0.86 3.47 -6.93
N ARG A 54 0.74 2.31 -6.29
CA ARG A 54 0.74 1.04 -7.03
C ARG A 54 -0.28 1.07 -8.15
N ARG A 55 -1.54 1.37 -7.80
CA ARG A 55 -2.61 1.42 -8.79
C ARG A 55 -2.27 2.40 -9.91
N MET A 56 -1.55 3.46 -9.56
CA MET A 56 -1.15 4.47 -10.55
C MET A 56 -0.39 3.84 -11.70
N LYS A 57 0.62 3.03 -11.36
CA LYS A 57 1.44 2.37 -12.36
C LYS A 57 0.86 1.00 -12.71
N LEU A 58 -0.36 0.74 -12.27
CA LEU A 58 -1.03 -0.53 -12.52
C LEU A 58 -1.77 -0.48 -13.86
N LYS A 59 -1.48 -1.45 -14.73
CA LYS A 59 -2.12 -1.52 -16.03
C LYS A 59 -2.23 -2.97 -16.51
N LYS A 60 -3.23 -3.24 -17.32
CA LYS A 60 -3.45 -4.60 -17.84
C LYS A 60 -3.92 -4.54 -19.30
N GLU A 61 -5.06 -3.88 -19.52
CA GLU A 61 -5.61 -3.76 -20.86
C GLU A 61 -6.14 -2.35 -21.11
N LEU A 62 -5.52 -1.37 -20.46
CA LEU A 62 -5.93 0.02 -20.60
C LEU A 62 -4.72 0.91 -20.88
N GLY A 1 13.42 7.02 12.31
CA GLY A 1 13.30 8.47 12.27
C GLY A 1 14.03 9.07 11.09
N THR A 2 15.16 8.47 10.72
CA THR A 2 15.96 8.96 9.60
C THR A 2 16.73 7.81 8.94
N ARG A 3 16.55 7.67 7.63
CA ARG A 3 17.23 6.62 6.88
C ARG A 3 17.60 7.11 5.48
N ARG A 4 16.64 7.68 4.77
CA ARG A 4 16.86 8.19 3.43
C ARG A 4 16.84 9.71 3.41
N ARG A 5 15.78 10.29 3.94
CA ARG A 5 15.64 11.75 3.98
C ARG A 5 15.60 12.34 2.57
N GLY A 6 14.51 12.07 1.86
CA GLY A 6 14.37 12.57 0.51
C GLY A 6 12.93 12.52 0.02
N ARG A 7 12.75 12.05 -1.22
CA ARG A 7 11.42 11.94 -1.81
C ARG A 7 10.52 11.05 -0.95
N GLN A 8 9.23 11.06 -1.26
CA GLN A 8 8.26 10.26 -0.54
C GLN A 8 7.88 9.01 -1.32
N THR A 9 8.56 7.90 -1.03
CA THR A 9 8.31 6.64 -1.72
C THR A 9 8.19 5.49 -0.73
N TYR A 10 7.31 4.54 -1.03
CA TYR A 10 7.11 3.38 -0.17
C TYR A 10 8.39 2.57 -0.03
N THR A 11 8.66 2.10 1.19
CA THR A 11 9.85 1.31 1.45
C THR A 11 9.77 -0.06 0.78
N ARG A 12 10.93 -0.64 0.49
CA ARG A 12 10.98 -1.95 -0.16
C ARG A 12 10.14 -2.97 0.60
N PHE A 13 10.03 -2.77 1.92
CA PHE A 13 9.26 -3.67 2.77
C PHE A 13 7.76 -3.48 2.54
N GLN A 14 7.36 -2.23 2.32
CA GLN A 14 5.95 -1.91 2.10
C GLN A 14 5.50 -2.37 0.72
N THR A 15 6.28 -2.01 -0.30
CA THR A 15 5.96 -2.39 -1.68
C THR A 15 5.86 -3.90 -1.82
N LEU A 16 6.75 -4.63 -1.15
CA LEU A 16 6.75 -6.08 -1.20
C LEU A 16 5.62 -6.66 -0.35
N GLU A 17 5.62 -6.32 0.93
CA GLU A 17 4.59 -6.81 1.85
C GLU A 17 3.20 -6.53 1.30
N LEU A 18 2.94 -5.27 0.98
CA LEU A 18 1.63 -4.87 0.44
C LEU A 18 1.30 -5.67 -0.82
N GLU A 19 2.15 -5.55 -1.83
CA GLU A 19 1.94 -6.27 -3.08
C GLU A 19 1.72 -7.76 -2.83
N LYS A 20 2.33 -8.27 -1.76
CA LYS A 20 2.20 -9.68 -1.40
C LYS A 20 0.76 -10.02 -1.05
N GLU A 21 0.12 -9.15 -0.28
CA GLU A 21 -1.27 -9.37 0.13
C GLU A 21 -2.23 -8.92 -0.96
N PHE A 22 -1.83 -7.90 -1.72
CA PHE A 22 -2.66 -7.38 -2.79
C PHE A 22 -2.73 -8.37 -3.95
N HIS A 23 -1.57 -8.78 -4.45
CA HIS A 23 -1.50 -9.72 -5.56
C HIS A 23 -2.27 -10.99 -5.24
N PHE A 24 -2.40 -11.30 -3.95
CA PHE A 24 -3.11 -12.49 -3.51
C PHE A 24 -4.60 -12.20 -3.32
N ASN A 25 -4.89 -11.03 -2.76
CA ASN A 25 -6.27 -10.63 -2.52
C ASN A 25 -6.39 -9.10 -2.48
N HIS A 26 -7.45 -8.58 -3.10
CA HIS A 26 -7.69 -7.14 -3.14
C HIS A 26 -8.94 -6.78 -2.36
N TYR A 27 -8.75 -6.42 -1.09
CA TYR A 27 -9.88 -6.05 -0.23
C TYR A 27 -9.38 -5.63 1.16
N LEU A 28 -9.99 -4.59 1.71
CA LEU A 28 -9.62 -4.10 3.03
C LEU A 28 -10.80 -3.41 3.71
N THR A 29 -10.89 -3.57 5.03
CA THR A 29 -11.97 -2.98 5.80
C THR A 29 -11.43 -1.98 6.82
N ARG A 30 -12.33 -1.45 7.64
CA ARG A 30 -11.94 -0.48 8.67
C ARG A 30 -10.90 -1.08 9.62
N ARG A 31 -11.20 -2.26 10.14
CA ARG A 31 -10.29 -2.94 11.06
C ARG A 31 -9.04 -3.43 10.33
N ARG A 32 -9.24 -4.10 9.20
CA ARG A 32 -8.13 -4.62 8.42
C ARG A 32 -7.14 -3.51 8.07
N ARG A 33 -7.66 -2.45 7.47
CA ARG A 33 -6.81 -1.31 7.08
C ARG A 33 -5.98 -0.82 8.26
N ILE A 34 -6.66 -0.37 9.31
CA ILE A 34 -5.99 0.12 10.50
C ILE A 34 -4.98 -0.90 11.04
N GLU A 35 -5.29 -2.17 10.84
CA GLU A 35 -4.42 -3.26 11.29
C GLU A 35 -3.02 -3.10 10.70
N ILE A 36 -2.95 -2.97 9.38
CA ILE A 36 -1.68 -2.83 8.69
C ILE A 36 -1.19 -1.38 8.74
N ALA A 37 -2.13 -0.45 8.93
CA ALA A 37 -1.79 0.96 9.00
C ALA A 37 -0.99 1.28 10.25
N HIS A 38 -1.41 0.72 11.38
CA HIS A 38 -0.73 0.95 12.65
C HIS A 38 0.45 0.00 12.80
N ALA A 39 0.33 -1.20 12.23
CA ALA A 39 1.39 -2.20 12.30
C ALA A 39 2.56 -1.82 11.40
N LEU A 40 2.24 -1.43 10.16
CA LEU A 40 3.27 -1.05 9.19
C LEU A 40 3.65 0.42 9.36
N CYS A 41 3.02 1.08 10.33
CA CYS A 41 3.30 2.49 10.59
C CYS A 41 2.89 3.36 9.40
N LEU A 42 2.03 2.82 8.55
CA LEU A 42 1.57 3.54 7.37
C LEU A 42 0.20 4.17 7.61
N THR A 43 0.03 5.40 7.13
CA THR A 43 -1.22 6.11 7.30
C THR A 43 -2.38 5.37 6.65
N GLU A 44 -3.56 5.46 7.25
CA GLU A 44 -4.74 4.78 6.73
C GLU A 44 -5.00 5.17 5.28
N ARG A 45 -4.85 6.46 4.99
CA ARG A 45 -5.07 6.96 3.64
C ARG A 45 -3.96 6.50 2.70
N GLN A 46 -2.75 6.40 3.23
CA GLN A 46 -1.59 5.97 2.44
C GLN A 46 -1.88 4.64 1.74
N ILE A 47 -2.37 3.67 2.51
CA ILE A 47 -2.67 2.36 1.98
C ILE A 47 -3.88 2.42 1.03
N LYS A 48 -4.90 3.16 1.43
CA LYS A 48 -6.10 3.32 0.62
C LYS A 48 -5.74 3.74 -0.80
N ILE A 49 -4.85 4.72 -0.91
CA ILE A 49 -4.42 5.22 -2.21
C ILE A 49 -3.54 4.20 -2.93
N TRP A 50 -2.60 3.63 -2.19
CA TRP A 50 -1.68 2.64 -2.76
C TRP A 50 -2.45 1.54 -3.46
N PHE A 51 -3.64 1.22 -2.96
CA PHE A 51 -4.47 0.18 -3.54
C PHE A 51 -5.19 0.69 -4.78
N GLN A 52 -5.75 1.89 -4.68
CA GLN A 52 -6.47 2.49 -5.79
C GLN A 52 -5.56 2.66 -7.01
N ASN A 53 -4.36 3.18 -6.78
CA ASN A 53 -3.40 3.39 -7.86
C ASN A 53 -2.97 2.06 -8.47
N ARG A 54 -2.57 1.12 -7.60
CA ARG A 54 -2.13 -0.19 -8.05
C ARG A 54 -3.19 -0.85 -8.93
N ARG A 55 -4.45 -0.69 -8.54
CA ARG A 55 -5.55 -1.27 -9.29
C ARG A 55 -5.72 -0.58 -10.64
N MET A 56 -5.50 0.73 -10.67
CA MET A 56 -5.62 1.50 -11.89
C MET A 56 -4.79 0.88 -13.01
N LYS A 57 -3.61 0.38 -12.65
CA LYS A 57 -2.72 -0.24 -13.63
C LYS A 57 -3.36 -1.47 -14.24
N LEU A 58 -4.17 -2.18 -13.45
CA LEU A 58 -4.85 -3.37 -13.93
C LEU A 58 -5.79 -3.05 -15.09
N LYS A 59 -5.55 -3.69 -16.23
CA LYS A 59 -6.37 -3.46 -17.42
C LYS A 59 -6.38 -1.99 -17.81
N LYS A 60 -5.37 -1.60 -18.58
CA LYS A 60 -5.25 -0.21 -19.04
C LYS A 60 -5.28 -0.14 -20.56
N GLU A 61 -6.42 0.26 -21.11
CA GLU A 61 -6.58 0.38 -22.55
C GLU A 61 -7.12 1.76 -22.93
N LEU A 62 -6.34 2.79 -22.64
CA LEU A 62 -6.74 4.16 -22.95
C LEU A 62 -5.63 4.90 -23.68
N GLY A 1 19.06 8.58 -12.65
CA GLY A 1 19.04 7.81 -11.43
C GLY A 1 17.65 7.69 -10.84
N THR A 2 17.36 8.52 -9.84
CA THR A 2 16.06 8.50 -9.18
C THR A 2 15.44 9.89 -9.18
N ARG A 3 14.16 9.97 -8.81
CA ARG A 3 13.45 11.24 -8.74
C ARG A 3 12.49 11.28 -7.56
N ARG A 4 12.83 10.55 -6.51
CA ARG A 4 11.99 10.49 -5.32
C ARG A 4 11.89 11.86 -4.66
N ARG A 5 10.68 12.29 -4.37
CA ARG A 5 10.45 13.59 -3.74
C ARG A 5 9.51 13.46 -2.55
N GLY A 6 9.90 12.61 -1.60
CA GLY A 6 9.08 12.40 -0.41
C GLY A 6 9.91 12.23 0.84
N ARG A 7 9.35 11.56 1.84
CA ARG A 7 10.04 11.34 3.09
C ARG A 7 9.53 10.06 3.78
N GLN A 8 10.47 9.24 4.25
CA GLN A 8 10.11 8.00 4.92
C GLN A 8 9.30 7.10 4.00
N THR A 9 9.93 6.63 2.94
CA THR A 9 9.28 5.76 1.97
C THR A 9 9.04 4.38 2.56
N TYR A 10 8.24 3.57 1.87
CA TYR A 10 7.93 2.22 2.33
C TYR A 10 9.19 1.36 2.38
N THR A 11 9.09 0.20 3.02
CA THR A 11 10.22 -0.71 3.14
C THR A 11 10.04 -1.94 2.26
N ARG A 12 11.08 -2.74 2.15
CA ARG A 12 11.03 -3.95 1.33
C ARG A 12 9.95 -4.90 1.83
N PHE A 13 9.83 -5.02 3.15
CA PHE A 13 8.83 -5.90 3.75
C PHE A 13 7.43 -5.36 3.52
N GLN A 14 7.32 -4.05 3.33
CA GLN A 14 6.03 -3.42 3.09
C GLN A 14 5.62 -3.57 1.63
N THR A 15 6.50 -3.16 0.72
CA THR A 15 6.22 -3.25 -0.70
C THR A 15 5.88 -4.68 -1.11
N LEU A 16 6.61 -5.64 -0.54
CA LEU A 16 6.40 -7.04 -0.85
C LEU A 16 5.10 -7.55 -0.23
N GLU A 17 5.01 -7.48 1.09
CA GLU A 17 3.81 -7.92 1.79
C GLU A 17 2.56 -7.27 1.20
N LEU A 18 2.54 -5.95 1.19
CA LEU A 18 1.40 -5.20 0.65
C LEU A 18 1.05 -5.69 -0.75
N GLU A 19 2.06 -5.83 -1.60
CA GLU A 19 1.85 -6.29 -2.97
C GLU A 19 1.32 -7.72 -2.98
N LYS A 20 1.66 -8.48 -1.94
CA LYS A 20 1.22 -9.87 -1.83
C LYS A 20 -0.30 -9.95 -1.75
N GLU A 21 -0.87 -9.20 -0.81
CA GLU A 21 -2.32 -9.19 -0.63
C GLU A 21 -3.01 -8.31 -1.66
N PHE A 22 -2.27 -7.32 -2.16
CA PHE A 22 -2.79 -6.40 -3.16
C PHE A 22 -2.91 -7.07 -4.51
N HIS A 23 -1.94 -7.92 -4.84
CA HIS A 23 -1.94 -8.63 -6.11
C HIS A 23 -3.28 -9.35 -6.34
N PHE A 24 -3.79 -9.99 -5.28
CA PHE A 24 -5.05 -10.71 -5.37
C PHE A 24 -6.19 -9.75 -5.70
N ASN A 25 -6.17 -8.58 -5.08
CA ASN A 25 -7.21 -7.58 -5.30
C ASN A 25 -6.93 -6.32 -4.49
N HIS A 26 -7.55 -5.22 -4.89
CA HIS A 26 -7.38 -3.94 -4.20
C HIS A 26 -8.64 -3.55 -3.45
N TYR A 27 -8.71 -3.90 -2.17
CA TYR A 27 -9.86 -3.59 -1.34
C TYR A 27 -9.65 -4.07 0.09
N LEU A 28 -9.94 -3.20 1.05
CA LEU A 28 -9.78 -3.53 2.46
C LEU A 28 -10.81 -2.79 3.31
N THR A 29 -11.23 -3.42 4.40
CA THR A 29 -12.21 -2.82 5.30
C THR A 29 -11.55 -2.33 6.58
N ARG A 30 -12.37 -1.84 7.51
CA ARG A 30 -11.86 -1.34 8.79
C ARG A 30 -11.03 -2.40 9.50
N ARG A 31 -11.61 -3.58 9.67
CA ARG A 31 -10.92 -4.67 10.34
C ARG A 31 -9.65 -5.07 9.59
N ARG A 32 -9.81 -5.44 8.33
CA ARG A 32 -8.68 -5.83 7.50
C ARG A 32 -7.57 -4.79 7.56
N ARG A 33 -7.91 -3.55 7.25
CA ARG A 33 -6.94 -2.46 7.27
C ARG A 33 -6.20 -2.42 8.60
N ILE A 34 -6.94 -2.19 9.68
CA ILE A 34 -6.35 -2.14 11.01
C ILE A 34 -5.51 -3.38 11.30
N GLU A 35 -5.92 -4.51 10.73
CA GLU A 35 -5.21 -5.76 10.92
C GLU A 35 -3.75 -5.62 10.52
N ILE A 36 -3.52 -5.16 9.29
CA ILE A 36 -2.16 -4.97 8.78
C ILE A 36 -1.56 -3.67 9.28
N ALA A 37 -2.41 -2.73 9.67
CA ALA A 37 -1.96 -1.45 10.17
C ALA A 37 -1.27 -1.60 11.53
N HIS A 38 -1.86 -2.40 12.41
CA HIS A 38 -1.30 -2.62 13.73
C HIS A 38 -0.23 -3.71 13.69
N ALA A 39 -0.38 -4.64 12.75
CA ALA A 39 0.57 -5.73 12.61
C ALA A 39 1.85 -5.26 11.93
N LEU A 40 1.70 -4.50 10.85
CA LEU A 40 2.85 -3.98 10.12
C LEU A 40 3.37 -2.70 10.75
N CYS A 41 2.73 -2.27 11.83
CA CYS A 41 3.12 -1.06 12.53
C CYS A 41 2.93 0.16 11.65
N LEU A 42 2.07 0.03 10.65
CA LEU A 42 1.79 1.14 9.72
C LEU A 42 0.51 1.86 10.11
N THR A 43 0.17 2.89 9.34
CA THR A 43 -1.04 3.67 9.60
C THR A 43 -2.16 3.29 8.64
N GLU A 44 -3.39 3.34 9.14
CA GLU A 44 -4.56 3.00 8.33
C GLU A 44 -4.60 3.84 7.06
N ARG A 45 -4.04 5.04 7.13
CA ARG A 45 -4.01 5.95 5.98
C ARG A 45 -3.03 5.46 4.92
N GLN A 46 -1.83 5.12 5.35
CA GLN A 46 -0.80 4.63 4.44
C GLN A 46 -1.33 3.49 3.59
N ILE A 47 -2.01 2.54 4.23
CA ILE A 47 -2.57 1.39 3.53
C ILE A 47 -3.64 1.83 2.53
N LYS A 48 -4.50 2.75 2.95
CA LYS A 48 -5.57 3.26 2.10
C LYS A 48 -5.00 3.97 0.88
N ILE A 49 -4.00 4.80 1.10
CA ILE A 49 -3.36 5.55 0.02
C ILE A 49 -2.56 4.62 -0.89
N TRP A 50 -1.78 3.74 -0.29
CA TRP A 50 -0.97 2.79 -1.04
C TRP A 50 -1.82 2.03 -2.06
N PHE A 51 -2.96 1.53 -1.61
CA PHE A 51 -3.86 0.77 -2.48
C PHE A 51 -4.45 1.68 -3.56
N GLN A 52 -4.71 2.94 -3.19
CA GLN A 52 -5.27 3.90 -4.13
C GLN A 52 -4.28 4.22 -5.24
N ASN A 53 -3.11 4.71 -4.85
CA ASN A 53 -2.07 5.07 -5.81
C ASN A 53 -1.77 3.90 -6.74
N ARG A 54 -1.43 2.75 -6.16
CA ARG A 54 -1.12 1.56 -6.93
C ARG A 54 -2.23 1.26 -7.93
N ARG A 55 -3.45 1.09 -7.43
CA ARG A 55 -4.60 0.80 -8.27
C ARG A 55 -4.70 1.80 -9.42
N MET A 56 -4.47 3.07 -9.11
CA MET A 56 -4.53 4.13 -10.10
C MET A 56 -3.67 3.79 -11.31
N LYS A 57 -2.54 3.14 -11.07
CA LYS A 57 -1.63 2.75 -12.13
C LYS A 57 -2.21 1.61 -12.96
N LEU A 58 -2.83 0.66 -12.29
CA LEU A 58 -3.44 -0.49 -12.95
C LEU A 58 -4.50 -0.04 -13.95
N LYS A 59 -4.87 -0.94 -14.85
CA LYS A 59 -5.88 -0.63 -15.86
C LYS A 59 -5.47 0.55 -16.72
N LYS A 60 -6.30 0.91 -17.67
CA LYS A 60 -6.03 2.03 -18.56
C LYS A 60 -4.77 1.77 -19.39
N GLU A 61 -4.53 2.63 -20.37
CA GLU A 61 -3.36 2.50 -21.23
C GLU A 61 -2.14 3.18 -20.61
N LEU A 62 -1.25 2.38 -20.02
CA LEU A 62 -0.05 2.90 -19.39
C LEU A 62 -0.41 3.95 -18.34
N GLY A 1 26.24 1.67 0.28
CA GLY A 1 25.22 0.63 0.20
C GLY A 1 23.81 1.20 0.18
N THR A 2 23.53 2.10 1.12
CA THR A 2 22.22 2.72 1.22
C THR A 2 22.28 4.21 0.89
N ARG A 3 21.15 4.77 0.50
CA ARG A 3 21.07 6.18 0.17
C ARG A 3 19.62 6.66 0.08
N ARG A 4 19.41 7.96 0.21
CA ARG A 4 18.07 8.53 0.15
C ARG A 4 17.17 7.94 1.23
N ARG A 5 17.17 8.57 2.39
CA ARG A 5 16.35 8.11 3.52
C ARG A 5 14.88 8.02 3.11
N GLY A 6 14.47 8.88 2.19
CA GLY A 6 13.09 8.88 1.74
C GLY A 6 12.28 10.01 2.35
N ARG A 7 11.55 10.73 1.51
CA ARG A 7 10.72 11.84 1.97
C ARG A 7 9.33 11.79 1.34
N GLN A 8 8.33 11.51 2.15
CA GLN A 8 6.96 11.43 1.67
C GLN A 8 6.83 10.39 0.56
N THR A 9 7.41 9.22 0.79
CA THR A 9 7.37 8.14 -0.19
C THR A 9 7.37 6.78 0.50
N TYR A 10 6.83 5.78 -0.19
CA TYR A 10 6.77 4.42 0.36
C TYR A 10 8.14 3.75 0.28
N THR A 11 8.44 2.92 1.29
CA THR A 11 9.71 2.22 1.34
C THR A 11 9.61 0.85 0.69
N ARG A 12 10.76 0.25 0.40
CA ARG A 12 10.79 -1.07 -0.22
C ARG A 12 9.93 -2.06 0.55
N PHE A 13 9.83 -1.86 1.86
CA PHE A 13 9.04 -2.74 2.70
C PHE A 13 7.55 -2.54 2.46
N GLN A 14 7.08 -1.30 2.62
CA GLN A 14 5.68 -0.98 2.42
C GLN A 14 5.25 -1.29 0.99
N THR A 15 6.13 -0.99 0.03
CA THR A 15 5.84 -1.24 -1.37
C THR A 15 5.62 -2.73 -1.62
N LEU A 16 6.64 -3.53 -1.36
CA LEU A 16 6.57 -4.97 -1.56
C LEU A 16 5.45 -5.57 -0.73
N GLU A 17 5.40 -5.21 0.55
CA GLU A 17 4.38 -5.72 1.45
C GLU A 17 2.98 -5.40 0.93
N LEU A 18 2.69 -4.12 0.79
CA LEU A 18 1.38 -3.69 0.28
C LEU A 18 1.07 -4.32 -1.06
N GLU A 19 2.05 -4.29 -1.97
CA GLU A 19 1.88 -4.87 -3.29
C GLU A 19 1.64 -6.37 -3.21
N LYS A 20 2.12 -6.97 -2.13
CA LYS A 20 1.95 -8.42 -1.92
C LYS A 20 0.49 -8.77 -1.69
N GLU A 21 -0.12 -8.17 -0.68
CA GLU A 21 -1.52 -8.42 -0.36
C GLU A 21 -2.43 -8.01 -1.52
N PHE A 22 -1.96 -7.03 -2.31
CA PHE A 22 -2.73 -6.55 -3.44
C PHE A 22 -2.52 -7.44 -4.66
N HIS A 23 -1.38 -8.12 -4.70
CA HIS A 23 -1.06 -9.01 -5.80
C HIS A 23 -2.06 -10.17 -5.88
N PHE A 24 -2.22 -10.87 -4.76
CA PHE A 24 -3.14 -12.00 -4.71
C PHE A 24 -4.57 -11.56 -4.98
N ASN A 25 -5.01 -10.51 -4.28
CA ASN A 25 -6.35 -9.99 -4.45
C ASN A 25 -6.48 -8.59 -3.84
N HIS A 26 -7.65 -7.99 -3.96
CA HIS A 26 -7.90 -6.66 -3.44
C HIS A 26 -9.24 -6.61 -2.70
N TYR A 27 -9.19 -6.81 -1.38
CA TYR A 27 -10.38 -6.79 -0.56
C TYR A 27 -10.04 -7.02 0.91
N LEU A 28 -10.60 -6.18 1.77
CA LEU A 28 -10.36 -6.29 3.21
C LEU A 28 -11.42 -5.54 4.01
N THR A 29 -11.71 -6.02 5.20
CA THR A 29 -12.71 -5.39 6.07
C THR A 29 -12.07 -4.34 6.96
N ARG A 30 -12.90 -3.67 7.76
CA ARG A 30 -12.42 -2.64 8.67
C ARG A 30 -11.27 -3.16 9.52
N ARG A 31 -11.57 -4.16 10.35
CA ARG A 31 -10.56 -4.76 11.22
C ARG A 31 -9.32 -5.15 10.44
N ARG A 32 -9.52 -5.63 9.21
CA ARG A 32 -8.42 -6.05 8.35
C ARG A 32 -7.51 -4.87 8.03
N ARG A 33 -8.12 -3.76 7.60
CA ARG A 33 -7.37 -2.56 7.24
C ARG A 33 -6.42 -2.16 8.38
N ILE A 34 -6.99 -1.90 9.55
CA ILE A 34 -6.20 -1.51 10.71
C ILE A 34 -5.10 -2.53 11.00
N GLU A 35 -5.36 -3.78 10.66
CA GLU A 35 -4.40 -4.86 10.87
C GLU A 35 -3.09 -4.57 10.14
N ILE A 36 -3.20 -4.28 8.85
CA ILE A 36 -2.04 -3.98 8.02
C ILE A 36 -1.60 -2.54 8.20
N ALA A 37 -2.53 -1.68 8.60
CA ALA A 37 -2.23 -0.27 8.81
C ALA A 37 -1.23 -0.08 9.94
N HIS A 38 -1.49 -0.72 11.07
CA HIS A 38 -0.60 -0.63 12.23
C HIS A 38 0.64 -1.49 12.04
N ALA A 39 0.44 -2.70 11.53
CA ALA A 39 1.54 -3.62 11.29
C ALA A 39 2.57 -3.02 10.33
N LEU A 40 2.08 -2.28 9.34
CA LEU A 40 2.95 -1.64 8.35
C LEU A 40 3.48 -0.31 8.87
N CYS A 41 3.11 0.03 10.10
CA CYS A 41 3.55 1.28 10.71
C CYS A 41 2.98 2.47 9.96
N LEU A 42 1.97 2.22 9.13
CA LEU A 42 1.32 3.27 8.35
C LEU A 42 0.03 3.74 9.02
N THR A 43 -0.62 4.71 8.40
CA THR A 43 -1.88 5.24 8.93
C THR A 43 -3.08 4.74 8.12
N GLU A 44 -4.24 4.75 8.74
CA GLU A 44 -5.46 4.29 8.08
C GLU A 44 -5.64 4.99 6.74
N ARG A 45 -5.36 6.29 6.70
CA ARG A 45 -5.49 7.08 5.49
C ARG A 45 -4.51 6.60 4.43
N GLN A 46 -3.26 6.42 4.83
CA GLN A 46 -2.22 5.97 3.91
C GLN A 46 -2.65 4.71 3.17
N ILE A 47 -3.15 3.73 3.93
CA ILE A 47 -3.60 2.47 3.35
C ILE A 47 -4.68 2.71 2.29
N LYS A 48 -5.64 3.56 2.63
CA LYS A 48 -6.73 3.87 1.70
C LYS A 48 -6.20 4.50 0.42
N ILE A 49 -5.44 5.57 0.56
CA ILE A 49 -4.85 6.26 -0.59
C ILE A 49 -4.09 5.29 -1.48
N TRP A 50 -3.31 4.42 -0.85
CA TRP A 50 -2.52 3.44 -1.59
C TRP A 50 -3.40 2.65 -2.57
N PHE A 51 -4.41 1.97 -2.04
CA PHE A 51 -5.31 1.19 -2.87
C PHE A 51 -5.93 2.05 -3.97
N GLN A 52 -6.05 3.35 -3.71
CA GLN A 52 -6.61 4.29 -4.68
C GLN A 52 -5.61 4.58 -5.79
N ASN A 53 -4.37 4.85 -5.41
CA ASN A 53 -3.32 5.15 -6.37
C ASN A 53 -2.94 3.90 -7.17
N ARG A 54 -3.01 2.75 -6.52
CA ARG A 54 -2.67 1.49 -7.16
C ARG A 54 -3.71 1.12 -8.23
N ARG A 55 -4.96 1.00 -7.82
CA ARG A 55 -6.03 0.66 -8.74
C ARG A 55 -6.17 1.72 -9.82
N MET A 56 -5.76 2.94 -9.51
CA MET A 56 -5.83 4.04 -10.47
C MET A 56 -4.77 3.90 -11.55
N LYS A 57 -3.64 3.29 -11.19
CA LYS A 57 -2.54 3.10 -12.12
C LYS A 57 -2.89 2.01 -13.14
N LEU A 58 -3.46 0.91 -12.66
CA LEU A 58 -3.84 -0.19 -13.53
C LEU A 58 -4.70 0.30 -14.69
N LYS A 59 -4.30 -0.08 -15.91
CA LYS A 59 -5.04 0.32 -17.10
C LYS A 59 -5.89 -0.83 -17.63
N LYS A 60 -6.67 -0.56 -18.67
CA LYS A 60 -7.52 -1.57 -19.28
C LYS A 60 -7.43 -1.53 -20.80
N GLU A 61 -7.76 -0.38 -21.38
CA GLU A 61 -7.72 -0.22 -22.82
C GLU A 61 -8.59 -1.25 -23.52
N LEU A 62 -9.76 -1.51 -22.95
CA LEU A 62 -10.69 -2.48 -23.52
C LEU A 62 -10.00 -3.82 -23.75
N GLY A 1 -1.62 12.45 0.52
CA GLY A 1 -1.18 13.63 1.25
C GLY A 1 -0.09 14.39 0.53
N THR A 2 0.73 15.12 1.29
CA THR A 2 1.82 15.89 0.72
C THR A 2 3.16 15.21 0.97
N ARG A 3 4.06 15.33 0.00
CA ARG A 3 5.39 14.73 0.11
C ARG A 3 6.31 15.61 0.96
N ARG A 4 6.42 15.27 2.25
CA ARG A 4 7.26 16.03 3.16
C ARG A 4 8.62 15.36 3.32
N ARG A 5 8.62 14.09 3.70
CA ARG A 5 9.86 13.34 3.88
C ARG A 5 10.61 13.21 2.56
N GLY A 6 11.93 13.04 2.66
CA GLY A 6 12.75 12.90 1.46
C GLY A 6 12.53 11.57 0.77
N ARG A 7 13.53 10.70 0.82
CA ARG A 7 13.45 9.39 0.18
C ARG A 7 12.43 8.52 0.89
N GLN A 8 12.18 7.33 0.33
CA GLN A 8 11.22 6.40 0.91
C GLN A 8 11.24 5.07 0.17
N THR A 9 11.13 3.97 0.92
CA THR A 9 11.14 2.64 0.33
C THR A 9 10.45 1.64 1.24
N TYR A 10 10.03 0.51 0.67
CA TYR A 10 9.35 -0.54 1.43
C TYR A 10 10.26 -1.73 1.64
N THR A 11 10.04 -2.45 2.74
CA THR A 11 10.85 -3.63 3.06
C THR A 11 10.31 -4.86 2.35
N ARG A 12 11.17 -5.86 2.17
CA ARG A 12 10.80 -7.10 1.51
C ARG A 12 9.55 -7.71 2.16
N PHE A 13 9.46 -7.56 3.48
CA PHE A 13 8.32 -8.10 4.22
C PHE A 13 7.03 -7.36 3.87
N GLN A 14 7.17 -6.08 3.52
CA GLN A 14 6.01 -5.27 3.15
C GLN A 14 5.60 -5.52 1.71
N THR A 15 6.59 -5.77 0.85
CA THR A 15 6.32 -6.04 -0.56
C THR A 15 5.55 -7.34 -0.75
N LEU A 16 6.03 -8.41 -0.11
CA LEU A 16 5.38 -9.70 -0.20
C LEU A 16 4.05 -9.70 0.53
N GLU A 17 4.01 -9.05 1.69
CA GLU A 17 2.79 -8.97 2.49
C GLU A 17 1.72 -8.16 1.76
N LEU A 18 2.08 -6.94 1.37
CA LEU A 18 1.14 -6.06 0.68
C LEU A 18 0.68 -6.70 -0.63
N GLU A 19 1.62 -7.29 -1.36
CA GLU A 19 1.30 -7.93 -2.64
C GLU A 19 0.50 -9.20 -2.41
N LYS A 20 0.67 -9.81 -1.24
CA LYS A 20 -0.04 -11.04 -0.90
C LYS A 20 -1.54 -10.80 -0.83
N GLU A 21 -1.93 -9.72 -0.14
CA GLU A 21 -3.34 -9.38 0.00
C GLU A 21 -3.84 -8.59 -1.20
N PHE A 22 -2.93 -7.82 -1.81
CA PHE A 22 -3.27 -7.01 -2.97
C PHE A 22 -3.53 -7.89 -4.19
N HIS A 23 -2.63 -8.85 -4.42
CA HIS A 23 -2.77 -9.75 -5.56
C HIS A 23 -4.15 -10.39 -5.59
N PHE A 24 -4.56 -10.97 -4.46
CA PHE A 24 -5.87 -11.61 -4.36
C PHE A 24 -6.99 -10.61 -4.59
N ASN A 25 -6.88 -9.45 -3.95
CA ASN A 25 -7.89 -8.41 -4.08
C ASN A 25 -7.33 -7.05 -3.67
N HIS A 26 -7.65 -6.02 -4.45
CA HIS A 26 -7.17 -4.67 -4.16
C HIS A 26 -8.31 -3.80 -3.62
N TYR A 27 -8.41 -3.73 -2.30
CA TYR A 27 -9.45 -2.93 -1.66
C TYR A 27 -9.33 -2.99 -0.14
N LEU A 28 -9.41 -1.84 0.50
CA LEU A 28 -9.31 -1.75 1.95
C LEU A 28 -10.07 -0.55 2.49
N THR A 29 -10.67 -0.71 3.67
CA THR A 29 -11.44 0.37 4.29
C THR A 29 -10.65 1.01 5.43
N ARG A 30 -11.29 1.94 6.12
CA ARG A 30 -10.64 2.64 7.24
C ARG A 30 -10.16 1.64 8.28
N ARG A 31 -11.06 0.76 8.72
CA ARG A 31 -10.72 -0.24 9.73
C ARG A 31 -9.61 -1.16 9.22
N ARG A 32 -9.88 -1.83 8.11
CA ARG A 32 -8.90 -2.76 7.52
C ARG A 32 -7.55 -2.07 7.38
N ARG A 33 -7.54 -0.92 6.72
CA ARG A 33 -6.30 -0.18 6.50
C ARG A 33 -5.55 0.03 7.82
N ILE A 34 -6.19 0.71 8.76
CA ILE A 34 -5.58 0.97 10.06
C ILE A 34 -5.10 -0.33 10.71
N GLU A 35 -5.80 -1.43 10.41
CA GLU A 35 -5.44 -2.73 10.97
C GLU A 35 -4.00 -3.09 10.62
N ILE A 36 -3.69 -3.03 9.32
CA ILE A 36 -2.35 -3.36 8.85
C ILE A 36 -1.40 -2.17 9.02
N ALA A 37 -1.97 -0.97 9.10
CA ALA A 37 -1.17 0.23 9.27
C ALA A 37 -0.48 0.25 10.62
N HIS A 38 -1.23 -0.07 11.67
CA HIS A 38 -0.68 -0.10 13.03
C HIS A 38 0.02 -1.42 13.31
N ALA A 39 -0.46 -2.49 12.67
CA ALA A 39 0.12 -3.81 12.85
C ALA A 39 1.46 -3.93 12.14
N LEU A 40 1.52 -3.46 10.90
CA LEU A 40 2.75 -3.51 10.12
C LEU A 40 3.67 -2.34 10.48
N CYS A 41 3.22 -1.51 11.41
CA CYS A 41 4.00 -0.35 11.84
C CYS A 41 4.18 0.64 10.70
N LEU A 42 3.27 0.60 9.74
CA LEU A 42 3.33 1.49 8.58
C LEU A 42 2.39 2.67 8.78
N THR A 43 2.37 3.58 7.79
CA THR A 43 1.52 4.75 7.84
C THR A 43 0.24 4.54 7.04
N GLU A 44 -0.86 5.12 7.52
CA GLU A 44 -2.14 4.99 6.85
C GLU A 44 -2.05 5.47 5.39
N ARG A 45 -1.28 6.53 5.17
CA ARG A 45 -1.12 7.08 3.83
C ARG A 45 -0.20 6.19 2.99
N GLN A 46 0.83 5.63 3.63
CA GLN A 46 1.77 4.76 2.94
C GLN A 46 1.04 3.61 2.25
N ILE A 47 0.11 3.00 2.97
CA ILE A 47 -0.66 1.88 2.42
C ILE A 47 -1.62 2.35 1.33
N LYS A 48 -2.33 3.44 1.60
CA LYS A 48 -3.28 3.99 0.65
C LYS A 48 -2.61 4.23 -0.70
N ILE A 49 -1.45 4.88 -0.68
CA ILE A 49 -0.71 5.17 -1.90
C ILE A 49 -0.16 3.89 -2.52
N TRP A 50 0.35 3.00 -1.68
CA TRP A 50 0.90 1.74 -2.16
C TRP A 50 -0.09 1.01 -3.06
N PHE A 51 -1.38 1.17 -2.77
CA PHE A 51 -2.43 0.55 -3.56
C PHE A 51 -2.68 1.30 -4.85
N GLN A 52 -2.80 2.62 -4.74
CA GLN A 52 -3.04 3.47 -5.90
C GLN A 52 -1.91 3.35 -6.92
N ASN A 53 -0.69 3.20 -6.42
CA ASN A 53 0.48 3.06 -7.28
C ASN A 53 0.48 1.72 -7.99
N ARG A 54 0.47 0.64 -7.21
CA ARG A 54 0.47 -0.71 -7.77
C ARG A 54 -0.64 -0.87 -8.80
N ARG A 55 -1.80 -0.30 -8.50
CA ARG A 55 -2.94 -0.39 -9.40
C ARG A 55 -2.68 0.40 -10.69
N MET A 56 -1.96 1.51 -10.56
CA MET A 56 -1.65 2.36 -11.70
C MET A 56 -1.02 1.54 -12.83
N LYS A 57 -0.23 0.54 -12.45
CA LYS A 57 0.43 -0.32 -13.43
C LYS A 57 -0.57 -1.28 -14.07
N LEU A 58 -1.34 -1.97 -13.23
CA LEU A 58 -2.33 -2.92 -13.71
C LEU A 58 -3.74 -2.35 -13.59
N LYS A 59 -3.99 -1.26 -14.32
CA LYS A 59 -5.29 -0.61 -14.31
C LYS A 59 -6.09 -0.96 -15.55
N LYS A 60 -5.45 -0.87 -16.71
CA LYS A 60 -6.10 -1.19 -17.98
C LYS A 60 -5.08 -1.64 -19.01
N GLU A 61 -4.13 -0.77 -19.33
CA GLU A 61 -3.09 -1.07 -20.31
C GLU A 61 -3.70 -1.30 -21.69
N LEU A 62 -2.88 -1.79 -22.62
CA LEU A 62 -3.34 -2.05 -23.98
C LEU A 62 -2.35 -2.95 -24.72
N GLY A 1 14.80 9.45 -18.72
CA GLY A 1 13.98 9.03 -17.59
C GLY A 1 13.71 10.16 -16.63
N THR A 2 12.43 10.35 -16.29
CA THR A 2 12.03 11.41 -15.37
C THR A 2 11.61 10.84 -14.03
N ARG A 3 11.89 11.59 -12.97
CA ARG A 3 11.54 11.16 -11.61
C ARG A 3 11.01 12.32 -10.79
N ARG A 4 9.77 12.22 -10.35
CA ARG A 4 9.15 13.28 -9.55
C ARG A 4 9.48 13.11 -8.07
N ARG A 5 8.89 13.95 -7.23
CA ARG A 5 9.13 13.89 -5.79
C ARG A 5 8.18 12.91 -5.12
N GLY A 6 8.48 12.56 -3.87
CA GLY A 6 7.65 11.62 -3.14
C GLY A 6 8.33 10.30 -2.91
N ARG A 7 8.19 9.77 -1.69
CA ARG A 7 8.80 8.49 -1.33
C ARG A 7 7.98 7.77 -0.27
N GLN A 8 7.97 6.45 -0.33
CA GLN A 8 7.21 5.64 0.62
C GLN A 8 8.13 5.14 1.73
N THR A 9 7.53 4.80 2.87
CA THR A 9 8.29 4.31 4.01
C THR A 9 7.89 2.88 4.37
N TYR A 10 8.39 1.92 3.58
CA TYR A 10 8.07 0.51 3.80
C TYR A 10 9.33 -0.34 3.68
N THR A 11 9.29 -1.54 4.26
CA THR A 11 10.42 -2.46 4.22
C THR A 11 10.21 -3.53 3.17
N ARG A 12 11.27 -4.28 2.87
CA ARG A 12 11.20 -5.33 1.87
C ARG A 12 10.05 -6.29 2.17
N PHE A 13 9.82 -6.55 3.45
CA PHE A 13 8.73 -7.44 3.86
C PHE A 13 7.37 -6.82 3.58
N GLN A 14 7.26 -5.51 3.79
CA GLN A 14 6.01 -4.79 3.56
C GLN A 14 5.69 -4.76 2.07
N THR A 15 6.71 -4.52 1.25
CA THR A 15 6.51 -4.45 -0.20
C THR A 15 5.98 -5.77 -0.74
N LEU A 16 6.58 -6.87 -0.30
CA LEU A 16 6.15 -8.19 -0.75
C LEU A 16 4.82 -8.59 -0.10
N GLU A 17 4.74 -8.39 1.21
CA GLU A 17 3.52 -8.72 1.94
C GLU A 17 2.32 -7.96 1.39
N LEU A 18 2.39 -6.64 1.46
CA LEU A 18 1.31 -5.79 0.96
C LEU A 18 0.94 -6.15 -0.47
N GLU A 19 1.96 -6.37 -1.30
CA GLU A 19 1.75 -6.72 -2.70
C GLU A 19 1.12 -8.11 -2.82
N LYS A 20 1.37 -8.96 -1.82
CA LYS A 20 0.83 -10.31 -1.82
C LYS A 20 -0.69 -10.29 -1.70
N GLU A 21 -1.20 -9.45 -0.80
CA GLU A 21 -2.65 -9.34 -0.60
C GLU A 21 -3.26 -8.41 -1.65
N PHE A 22 -2.51 -7.41 -2.07
CA PHE A 22 -2.98 -6.46 -3.07
C PHE A 22 -3.10 -7.12 -4.44
N HIS A 23 -2.02 -7.76 -4.87
CA HIS A 23 -2.01 -8.42 -6.17
C HIS A 23 -3.20 -9.37 -6.31
N PHE A 24 -3.66 -9.91 -5.18
CA PHE A 24 -4.79 -10.83 -5.18
C PHE A 24 -6.11 -10.06 -5.14
N ASN A 25 -6.19 -9.08 -4.25
CA ASN A 25 -7.40 -8.28 -4.10
C ASN A 25 -7.10 -6.97 -3.40
N HIS A 26 -7.64 -5.88 -3.92
CA HIS A 26 -7.43 -4.55 -3.35
C HIS A 26 -8.71 -4.04 -2.69
N TYR A 27 -8.84 -4.27 -1.39
CA TYR A 27 -10.02 -3.82 -0.65
C TYR A 27 -9.90 -4.19 0.83
N LEU A 28 -10.18 -3.21 1.69
CA LEU A 28 -10.11 -3.43 3.13
C LEU A 28 -11.14 -2.57 3.86
N THR A 29 -11.74 -3.14 4.90
CA THR A 29 -12.74 -2.43 5.68
C THR A 29 -12.13 -1.81 6.92
N ARG A 30 -12.97 -1.20 7.75
CA ARG A 30 -12.50 -0.56 8.98
C ARG A 30 -11.73 -1.54 9.85
N ARG A 31 -12.40 -2.59 10.32
CA ARG A 31 -11.78 -3.60 11.16
C ARG A 31 -10.58 -4.22 10.46
N ARG A 32 -10.72 -4.47 9.16
CA ARG A 32 -9.65 -5.06 8.37
C ARG A 32 -8.40 -4.19 8.39
N ARG A 33 -8.59 -2.89 8.14
CA ARG A 33 -7.47 -1.95 8.13
C ARG A 33 -6.66 -2.06 9.42
N ILE A 34 -7.32 -1.94 10.56
CA ILE A 34 -6.66 -2.04 11.85
C ILE A 34 -6.02 -3.41 12.04
N GLU A 35 -6.61 -4.42 11.42
CA GLU A 35 -6.09 -5.78 11.52
C GLU A 35 -4.64 -5.85 11.06
N ILE A 36 -4.38 -5.31 9.87
CA ILE A 36 -3.02 -5.32 9.32
C ILE A 36 -2.18 -4.19 9.92
N ALA A 37 -2.86 -3.17 10.44
CA ALA A 37 -2.18 -2.02 11.05
C ALA A 37 -1.52 -2.42 12.36
N HIS A 38 -2.23 -3.19 13.17
CA HIS A 38 -1.70 -3.64 14.46
C HIS A 38 -0.80 -4.86 14.28
N ALA A 39 -1.09 -5.66 13.27
CA ALA A 39 -0.30 -6.85 12.99
C ALA A 39 1.01 -6.50 12.31
N LEU A 40 0.94 -5.60 11.33
CA LEU A 40 2.14 -5.18 10.59
C LEU A 40 2.79 -3.98 11.27
N CYS A 41 2.21 -3.55 12.39
CA CYS A 41 2.75 -2.42 13.14
C CYS A 41 2.67 -1.14 12.31
N LEU A 42 1.84 -1.16 11.26
CA LEU A 42 1.67 0.00 10.39
C LEU A 42 0.42 0.77 10.76
N THR A 43 0.34 2.02 10.29
CA THR A 43 -0.81 2.88 10.56
C THR A 43 -1.88 2.73 9.48
N GLU A 44 -3.09 3.17 9.80
CA GLU A 44 -4.20 3.08 8.86
C GLU A 44 -3.91 3.91 7.60
N ARG A 45 -3.19 5.01 7.78
CA ARG A 45 -2.85 5.89 6.67
C ARG A 45 -1.88 5.20 5.72
N GLN A 46 -1.11 4.25 6.24
CA GLN A 46 -0.14 3.52 5.43
C GLN A 46 -0.84 2.66 4.38
N ILE A 47 -1.79 1.84 4.84
CA ILE A 47 -2.53 0.97 3.95
C ILE A 47 -3.35 1.77 2.94
N LYS A 48 -3.88 2.90 3.38
CA LYS A 48 -4.66 3.78 2.51
C LYS A 48 -3.81 4.32 1.37
N ILE A 49 -2.72 5.00 1.73
CA ILE A 49 -1.83 5.58 0.74
C ILE A 49 -1.17 4.49 -0.11
N TRP A 50 -0.69 3.45 0.55
CA TRP A 50 -0.04 2.35 -0.15
C TRP A 50 -0.92 1.81 -1.26
N PHE A 51 -2.21 1.67 -0.98
CA PHE A 51 -3.16 1.16 -1.96
C PHE A 51 -3.35 2.16 -3.10
N GLN A 52 -3.30 3.45 -2.77
CA GLN A 52 -3.45 4.50 -3.76
C GLN A 52 -2.25 4.56 -4.69
N ASN A 53 -1.06 4.71 -4.10
CA ASN A 53 0.17 4.78 -4.88
C ASN A 53 0.27 3.61 -5.85
N ARG A 54 0.25 2.39 -5.31
CA ARG A 54 0.35 1.19 -6.13
C ARG A 54 -0.70 1.21 -7.25
N ARG A 55 -1.95 1.42 -6.87
CA ARG A 55 -3.04 1.46 -7.84
C ARG A 55 -2.79 2.54 -8.90
N MET A 56 -2.02 3.55 -8.52
CA MET A 56 -1.70 4.64 -9.44
C MET A 56 -0.51 4.28 -10.32
N LYS A 57 0.38 3.45 -9.79
CA LYS A 57 1.57 3.03 -10.53
C LYS A 57 1.19 2.04 -11.64
N LEU A 58 0.28 1.13 -11.32
CA LEU A 58 -0.17 0.13 -12.30
C LEU A 58 -0.60 0.80 -13.60
N LYS A 59 -1.19 1.99 -13.49
CA LYS A 59 -1.64 2.73 -14.66
C LYS A 59 -0.47 3.31 -15.43
N LYS A 60 -0.67 3.55 -16.72
CA LYS A 60 0.38 4.11 -17.57
C LYS A 60 0.29 5.64 -17.61
N GLU A 61 -0.81 6.15 -18.13
CA GLU A 61 -1.02 7.59 -18.22
C GLU A 61 -2.50 7.94 -18.14
N LEU A 62 -2.80 9.23 -18.15
CA LEU A 62 -4.18 9.70 -18.08
C LEU A 62 -4.63 10.25 -19.43
N GLY A 1 7.03 21.95 0.35
CA GLY A 1 8.40 21.59 0.01
C GLY A 1 8.45 20.56 -1.11
N THR A 2 9.58 20.51 -1.80
CA THR A 2 9.77 19.57 -2.90
C THR A 2 9.93 18.15 -2.38
N ARG A 3 9.29 17.19 -3.05
CA ARG A 3 9.37 15.80 -2.65
C ARG A 3 10.26 15.01 -3.62
N ARG A 4 11.53 15.38 -3.67
CA ARG A 4 12.48 14.72 -4.55
C ARG A 4 13.35 13.73 -3.76
N ARG A 5 13.79 14.16 -2.58
CA ARG A 5 14.63 13.32 -1.73
C ARG A 5 13.84 12.78 -0.54
N GLY A 6 12.74 12.07 -0.83
CA GLY A 6 11.92 11.52 0.22
C GLY A 6 12.70 10.58 1.13
N ARG A 7 12.07 10.19 2.24
CA ARG A 7 12.71 9.30 3.20
C ARG A 7 11.69 8.36 3.83
N GLN A 8 12.18 7.37 4.58
CA GLN A 8 11.31 6.40 5.24
C GLN A 8 10.46 5.65 4.21
N THR A 9 11.10 4.75 3.47
CA THR A 9 10.41 3.96 2.46
C THR A 9 9.91 2.65 3.03
N TYR A 10 9.14 1.91 2.24
CA TYR A 10 8.60 0.63 2.66
C TYR A 10 9.68 -0.44 2.68
N THR A 11 9.35 -1.60 3.25
CA THR A 11 10.29 -2.71 3.33
C THR A 11 9.85 -3.87 2.43
N ARG A 12 10.68 -4.91 2.38
CA ARG A 12 10.38 -6.08 1.57
C ARG A 12 9.10 -6.76 2.05
N PHE A 13 8.97 -6.92 3.35
CA PHE A 13 7.80 -7.56 3.93
C PHE A 13 6.54 -6.72 3.69
N GLN A 14 6.72 -5.41 3.55
CA GLN A 14 5.61 -4.50 3.30
C GLN A 14 5.23 -4.50 1.83
N THR A 15 6.22 -4.38 0.96
CA THR A 15 5.98 -4.36 -0.48
C THR A 15 5.50 -5.72 -0.97
N LEU A 16 6.07 -6.78 -0.42
CA LEU A 16 5.70 -8.14 -0.80
C LEU A 16 4.29 -8.49 -0.30
N GLU A 17 4.00 -8.10 0.94
CA GLU A 17 2.69 -8.36 1.52
C GLU A 17 1.62 -7.48 0.89
N LEU A 18 1.90 -6.18 0.79
CA LEU A 18 0.96 -5.23 0.21
C LEU A 18 0.57 -5.66 -1.19
N GLU A 19 1.56 -6.04 -2.00
CA GLU A 19 1.32 -6.48 -3.37
C GLU A 19 0.74 -7.89 -3.39
N LYS A 20 1.05 -8.66 -2.36
CA LYS A 20 0.57 -10.04 -2.26
C LYS A 20 -0.96 -10.08 -2.33
N GLU A 21 -1.60 -9.21 -1.56
CA GLU A 21 -3.06 -9.16 -1.54
C GLU A 21 -3.60 -8.31 -2.69
N PHE A 22 -2.92 -7.19 -2.95
CA PHE A 22 -3.32 -6.30 -4.03
C PHE A 22 -3.36 -7.03 -5.37
N HIS A 23 -2.24 -7.64 -5.73
CA HIS A 23 -2.14 -8.37 -6.99
C HIS A 23 -3.29 -9.37 -7.13
N PHE A 24 -3.49 -10.17 -6.09
CA PHE A 24 -4.55 -11.17 -6.09
C PHE A 24 -5.93 -10.51 -6.23
N ASN A 25 -6.11 -9.40 -5.51
CA ASN A 25 -7.37 -8.68 -5.55
C ASN A 25 -7.20 -7.26 -5.02
N HIS A 26 -7.82 -6.30 -5.70
CA HIS A 26 -7.73 -4.90 -5.29
C HIS A 26 -9.02 -4.45 -4.60
N TYR A 27 -9.05 -4.53 -3.27
CA TYR A 27 -10.21 -4.13 -2.51
C TYR A 27 -9.96 -4.30 -1.01
N LEU A 28 -10.29 -3.28 -0.24
CA LEU A 28 -10.10 -3.31 1.20
C LEU A 28 -11.06 -2.34 1.91
N THR A 29 -11.53 -2.74 3.08
CA THR A 29 -12.45 -1.92 3.84
C THR A 29 -11.78 -1.34 5.08
N ARG A 30 -12.56 -0.65 5.91
CA ARG A 30 -12.04 -0.04 7.12
C ARG A 30 -11.37 -1.09 8.02
N ARG A 31 -12.12 -2.16 8.29
CA ARG A 31 -11.60 -3.24 9.14
C ARG A 31 -10.38 -3.89 8.51
N ARG A 32 -10.55 -4.42 7.31
CA ARG A 32 -9.46 -5.09 6.60
C ARG A 32 -8.23 -4.18 6.55
N ARG A 33 -8.40 -2.98 6.04
CA ARG A 33 -7.30 -2.01 5.94
C ARG A 33 -6.59 -1.86 7.29
N ILE A 34 -7.32 -1.40 8.29
CA ILE A 34 -6.76 -1.20 9.62
C ILE A 34 -6.10 -2.48 10.13
N GLU A 35 -6.63 -3.62 9.70
CA GLU A 35 -6.08 -4.91 10.12
C GLU A 35 -4.61 -5.02 9.75
N ILE A 36 -4.29 -4.76 8.49
CA ILE A 36 -2.92 -4.82 8.01
C ILE A 36 -2.16 -3.56 8.35
N ALA A 37 -2.90 -2.46 8.51
CA ALA A 37 -2.30 -1.17 8.82
C ALA A 37 -1.63 -1.20 10.21
N HIS A 38 -2.33 -1.75 11.19
CA HIS A 38 -1.81 -1.85 12.54
C HIS A 38 -0.92 -3.08 12.70
N ALA A 39 -1.21 -4.11 11.91
CA ALA A 39 -0.43 -5.35 11.96
C ALA A 39 0.93 -5.17 11.29
N LEU A 40 0.98 -4.32 10.27
CA LEU A 40 2.22 -4.06 9.55
C LEU A 40 2.96 -2.87 10.16
N CYS A 41 2.47 -2.39 11.29
CA CYS A 41 3.09 -1.26 11.97
C CYS A 41 3.03 0.00 11.10
N LEU A 42 2.13 0.00 10.14
CA LEU A 42 1.98 1.14 9.23
C LEU A 42 0.82 2.04 9.67
N THR A 43 0.60 3.12 8.93
CA THR A 43 -0.47 4.05 9.23
C THR A 43 -1.60 3.94 8.23
N GLU A 44 -2.82 4.26 8.67
CA GLU A 44 -3.98 4.19 7.80
C GLU A 44 -3.74 4.96 6.50
N ARG A 45 -3.21 6.18 6.63
CA ARG A 45 -2.93 7.01 5.47
C ARG A 45 -1.89 6.35 4.56
N GLN A 46 -0.91 5.70 5.17
CA GLN A 46 0.15 5.03 4.42
C GLN A 46 -0.45 4.09 3.36
N ILE A 47 -1.28 3.16 3.81
CA ILE A 47 -1.92 2.21 2.91
C ILE A 47 -2.71 2.93 1.82
N LYS A 48 -3.49 3.92 2.23
CA LYS A 48 -4.30 4.70 1.29
C LYS A 48 -3.45 5.21 0.13
N ILE A 49 -2.26 5.71 0.46
CA ILE A 49 -1.35 6.24 -0.55
C ILE A 49 -0.71 5.11 -1.35
N TRP A 50 -0.32 4.05 -0.67
CA TRP A 50 0.30 2.91 -1.32
C TRP A 50 -0.56 2.41 -2.49
N PHE A 51 -1.82 2.14 -2.21
CA PHE A 51 -2.74 1.67 -3.23
C PHE A 51 -2.95 2.72 -4.31
N GLN A 52 -3.08 3.97 -3.89
CA GLN A 52 -3.29 5.07 -4.82
C GLN A 52 -2.19 5.12 -5.87
N ASN A 53 -0.94 5.13 -5.41
CA ASN A 53 0.20 5.17 -6.31
C ASN A 53 0.27 3.91 -7.16
N ARG A 54 0.22 2.76 -6.50
CA ARG A 54 0.28 1.47 -7.20
C ARG A 54 -0.76 1.41 -8.31
N ARG A 55 -2.02 1.60 -7.95
CA ARG A 55 -3.11 1.57 -8.91
C ARG A 55 -2.83 2.51 -10.08
N MET A 56 -2.21 3.64 -9.78
CA MET A 56 -1.88 4.62 -10.80
C MET A 56 -1.13 3.98 -11.97
N LYS A 57 -0.37 2.93 -11.66
CA LYS A 57 0.40 2.22 -12.67
C LYS A 57 -0.41 1.08 -13.27
N LEU A 58 -1.23 0.45 -12.44
CA LEU A 58 -2.07 -0.67 -12.90
C LEU A 58 -3.40 -0.16 -13.45
N LYS A 59 -3.58 -0.29 -14.75
CA LYS A 59 -4.81 0.14 -15.40
C LYS A 59 -6.02 -0.58 -14.84
N LYS A 60 -5.95 -1.91 -14.81
CA LYS A 60 -7.04 -2.73 -14.30
C LYS A 60 -8.30 -2.54 -15.13
N GLU A 61 -8.60 -3.52 -15.98
CA GLU A 61 -9.78 -3.47 -16.83
C GLU A 61 -10.96 -4.17 -16.17
N LEU A 62 -10.77 -5.44 -15.84
CA LEU A 62 -11.82 -6.24 -15.20
C LEU A 62 -12.37 -5.51 -13.98
N GLY A 1 13.53 4.93 -17.84
CA GLY A 1 13.31 6.23 -17.25
C GLY A 1 14.05 6.41 -15.94
N THR A 2 13.92 7.59 -15.34
CA THR A 2 14.58 7.88 -14.08
C THR A 2 14.15 6.92 -12.99
N ARG A 3 14.88 6.90 -11.88
CA ARG A 3 14.57 6.02 -10.77
C ARG A 3 14.58 6.78 -9.44
N ARG A 4 13.87 7.90 -9.41
CA ARG A 4 13.80 8.72 -8.21
C ARG A 4 12.51 8.45 -7.43
N ARG A 5 12.65 7.87 -6.25
CA ARG A 5 11.50 7.55 -5.42
C ARG A 5 10.75 8.82 -5.00
N GLY A 6 9.43 8.73 -4.93
CA GLY A 6 8.63 9.89 -4.56
C GLY A 6 8.35 9.93 -3.07
N ARG A 7 7.19 10.47 -2.71
CA ARG A 7 6.80 10.57 -1.31
C ARG A 7 6.23 9.25 -0.80
N GLN A 8 7.03 8.52 -0.03
CA GLN A 8 6.61 7.24 0.52
C GLN A 8 7.71 6.62 1.39
N THR A 9 7.58 6.80 2.70
CA THR A 9 8.57 6.26 3.64
C THR A 9 8.12 4.91 4.17
N TYR A 10 8.35 3.86 3.39
CA TYR A 10 7.99 2.51 3.78
C TYR A 10 9.19 1.57 3.74
N THR A 11 9.22 0.60 4.64
CA THR A 11 10.31 -0.36 4.70
C THR A 11 10.07 -1.53 3.76
N ARG A 12 11.08 -2.40 3.64
CA ARG A 12 10.97 -3.56 2.76
C ARG A 12 9.82 -4.45 3.19
N PHE A 13 9.69 -4.67 4.49
CA PHE A 13 8.63 -5.52 5.03
C PHE A 13 7.26 -4.93 4.72
N GLN A 14 7.21 -3.61 4.58
CA GLN A 14 5.95 -2.91 4.29
C GLN A 14 5.66 -2.95 2.79
N THR A 15 6.63 -2.54 1.98
CA THR A 15 6.48 -2.52 0.54
C THR A 15 6.27 -3.92 -0.02
N LEU A 16 6.94 -4.90 0.59
CA LEU A 16 6.84 -6.29 0.16
C LEU A 16 5.50 -6.88 0.57
N GLU A 17 5.17 -6.75 1.85
CA GLU A 17 3.91 -7.26 2.39
C GLU A 17 2.72 -6.59 1.71
N LEU A 18 2.79 -5.27 1.57
CA LEU A 18 1.71 -4.50 0.95
C LEU A 18 1.57 -4.88 -0.52
N GLU A 19 2.69 -5.10 -1.18
CA GLU A 19 2.69 -5.47 -2.60
C GLU A 19 2.17 -6.90 -2.79
N LYS A 20 2.63 -7.81 -1.92
CA LYS A 20 2.22 -9.20 -1.99
C LYS A 20 0.70 -9.31 -2.04
N GLU A 21 0.04 -8.83 -0.99
CA GLU A 21 -1.42 -8.88 -0.91
C GLU A 21 -2.05 -8.04 -2.02
N PHE A 22 -1.34 -7.00 -2.45
CA PHE A 22 -1.84 -6.12 -3.50
C PHE A 22 -1.81 -6.82 -4.85
N HIS A 23 -0.95 -7.83 -4.97
CA HIS A 23 -0.83 -8.59 -6.21
C HIS A 23 -1.98 -9.57 -6.37
N PHE A 24 -2.21 -10.38 -5.35
CA PHE A 24 -3.28 -11.37 -5.37
C PHE A 24 -4.64 -10.69 -5.51
N ASN A 25 -4.73 -9.46 -5.02
CA ASN A 25 -5.98 -8.70 -5.09
C ASN A 25 -5.76 -7.27 -4.61
N HIS A 26 -6.74 -6.40 -4.90
CA HIS A 26 -6.65 -5.00 -4.50
C HIS A 26 -7.96 -4.54 -3.86
N TYR A 27 -8.02 -4.63 -2.53
CA TYR A 27 -9.21 -4.23 -1.80
C TYR A 27 -9.02 -4.42 -0.30
N LEU A 28 -9.34 -3.39 0.47
CA LEU A 28 -9.21 -3.44 1.92
C LEU A 28 -10.52 -3.08 2.61
N THR A 29 -11.04 -3.99 3.41
CA THR A 29 -12.29 -3.78 4.12
C THR A 29 -12.02 -3.24 5.52
N ARG A 30 -13.10 -3.08 6.30
CA ARG A 30 -12.99 -2.58 7.66
C ARG A 30 -12.02 -3.42 8.48
N ARG A 31 -12.35 -4.70 8.66
CA ARG A 31 -11.52 -5.61 9.43
C ARG A 31 -10.17 -5.82 8.73
N ARG A 32 -10.22 -6.05 7.43
CA ARG A 32 -9.01 -6.27 6.64
C ARG A 32 -8.00 -5.15 6.89
N ARG A 33 -8.42 -3.91 6.68
CA ARG A 33 -7.56 -2.76 6.88
C ARG A 33 -6.90 -2.80 8.25
N ILE A 34 -7.72 -2.73 9.30
CA ILE A 34 -7.22 -2.76 10.67
C ILE A 34 -6.32 -3.97 10.89
N GLU A 35 -6.60 -5.05 10.18
CA GLU A 35 -5.80 -6.28 10.31
C GLU A 35 -4.33 -6.00 10.01
N ILE A 36 -4.08 -5.39 8.86
CA ILE A 36 -2.71 -5.07 8.45
C ILE A 36 -2.23 -3.78 9.11
N ALA A 37 -3.17 -2.95 9.53
CA ALA A 37 -2.85 -1.69 10.18
C ALA A 37 -2.22 -1.92 11.55
N HIS A 38 -2.79 -2.85 12.30
CA HIS A 38 -2.29 -3.16 13.63
C HIS A 38 -1.13 -4.16 13.56
N ALA A 39 -1.17 -5.02 12.55
CA ALA A 39 -0.13 -6.03 12.35
C ALA A 39 1.15 -5.39 11.81
N LEU A 40 1.00 -4.52 10.82
CA LEU A 40 2.14 -3.84 10.22
C LEU A 40 2.52 -2.59 11.01
N CYS A 41 1.78 -2.33 12.09
CA CYS A 41 2.04 -1.17 12.93
C CYS A 41 1.81 0.12 12.15
N LEU A 42 1.02 0.04 11.08
CA LEU A 42 0.74 1.20 10.25
C LEU A 42 -0.62 1.79 10.61
N THR A 43 -0.99 2.87 9.92
CA THR A 43 -2.26 3.54 10.17
C THR A 43 -3.27 3.22 9.07
N GLU A 44 -4.54 3.12 9.44
CA GLU A 44 -5.60 2.82 8.48
C GLU A 44 -5.54 3.76 7.29
N ARG A 45 -5.18 5.01 7.54
CA ARG A 45 -5.07 6.01 6.48
C ARG A 45 -3.87 5.72 5.58
N GLN A 46 -2.79 5.24 6.18
CA GLN A 46 -1.57 4.93 5.43
C GLN A 46 -1.85 3.89 4.36
N ILE A 47 -2.59 2.85 4.72
CA ILE A 47 -2.93 1.78 3.78
C ILE A 47 -3.82 2.30 2.66
N LYS A 48 -4.86 3.03 3.03
CA LYS A 48 -5.79 3.58 2.05
C LYS A 48 -5.05 4.39 1.00
N ILE A 49 -4.18 5.29 1.45
CA ILE A 49 -3.41 6.13 0.55
C ILE A 49 -2.38 5.31 -0.22
N TRP A 50 -1.75 4.37 0.48
CA TRP A 50 -0.75 3.51 -0.14
C TRP A 50 -1.29 2.87 -1.42
N PHE A 51 -2.58 2.60 -1.43
CA PHE A 51 -3.22 1.99 -2.59
C PHE A 51 -3.52 3.02 -3.67
N GLN A 52 -4.09 4.16 -3.25
CA GLN A 52 -4.42 5.23 -4.17
C GLN A 52 -3.19 5.69 -4.94
N ASN A 53 -2.08 5.80 -4.25
CA ASN A 53 -0.83 6.24 -4.87
C ASN A 53 -0.29 5.16 -5.80
N ARG A 54 -0.16 3.95 -5.28
CA ARG A 54 0.35 2.82 -6.06
C ARG A 54 -0.41 2.70 -7.38
N ARG A 55 -1.74 2.59 -7.28
CA ARG A 55 -2.58 2.46 -8.47
C ARG A 55 -2.37 3.63 -9.41
N MET A 56 -2.16 4.82 -8.85
CA MET A 56 -1.95 6.02 -9.64
C MET A 56 -0.82 5.81 -10.65
N LYS A 57 0.21 5.09 -10.24
CA LYS A 57 1.35 4.81 -11.10
C LYS A 57 0.98 3.82 -12.20
N LEU A 58 0.55 2.62 -11.80
CA LEU A 58 0.16 1.60 -12.75
C LEU A 58 -1.19 1.92 -13.38
N LYS A 59 -1.16 2.19 -14.69
CA LYS A 59 -2.38 2.51 -15.42
C LYS A 59 -3.00 3.80 -14.90
N LYS A 60 -3.88 4.40 -15.70
CA LYS A 60 -4.56 5.63 -15.31
C LYS A 60 -6.04 5.57 -15.64
N GLU A 61 -6.84 5.23 -14.64
CA GLU A 61 -8.29 5.14 -14.82
C GLU A 61 -8.98 6.44 -14.45
N LEU A 62 -8.74 6.90 -13.22
CA LEU A 62 -9.34 8.14 -12.74
C LEU A 62 -8.28 9.24 -12.62
N GLY A 1 4.78 20.26 -6.87
CA GLY A 1 4.57 20.08 -5.45
C GLY A 1 4.95 18.69 -4.97
N THR A 2 3.98 17.78 -5.00
CA THR A 2 4.22 16.41 -4.56
C THR A 2 5.36 15.77 -5.34
N ARG A 3 6.54 15.74 -4.74
CA ARG A 3 7.71 15.15 -5.39
C ARG A 3 7.79 13.65 -5.12
N ARG A 4 7.59 12.85 -6.16
CA ARG A 4 7.63 11.40 -6.03
C ARG A 4 9.01 10.94 -5.54
N ARG A 5 9.04 9.80 -4.87
CA ARG A 5 10.29 9.25 -4.35
C ARG A 5 10.92 10.21 -3.34
N GLY A 6 11.96 9.74 -2.67
CA GLY A 6 12.65 10.56 -1.68
C GLY A 6 12.36 10.13 -0.27
N ARG A 7 11.07 10.02 0.08
CA ARG A 7 10.67 9.61 1.41
C ARG A 7 9.82 8.35 1.36
N GLN A 8 9.38 7.88 2.53
CA GLN A 8 8.56 6.69 2.61
C GLN A 8 9.23 5.52 1.91
N THR A 9 10.02 4.76 2.66
CA THR A 9 10.72 3.60 2.12
C THR A 9 10.14 2.30 2.66
N TYR A 10 9.67 1.46 1.76
CA TYR A 10 9.09 0.17 2.14
C TYR A 10 10.07 -0.97 1.90
N THR A 11 10.08 -1.94 2.81
CA THR A 11 10.98 -3.08 2.70
C THR A 11 10.30 -4.24 1.97
N ARG A 12 11.09 -5.23 1.58
CA ARG A 12 10.56 -6.40 0.87
C ARG A 12 9.40 -7.01 1.64
N PHE A 13 9.55 -7.10 2.96
CA PHE A 13 8.52 -7.67 3.81
C PHE A 13 7.17 -6.99 3.57
N GLN A 14 7.21 -5.68 3.36
CA GLN A 14 5.99 -4.91 3.12
C GLN A 14 5.59 -4.97 1.65
N THR A 15 6.58 -4.84 0.76
CA THR A 15 6.32 -4.88 -0.67
C THR A 15 5.63 -6.19 -1.06
N LEU A 16 6.12 -7.29 -0.52
CA LEU A 16 5.54 -8.60 -0.81
C LEU A 16 4.22 -8.80 -0.09
N GLU A 17 4.23 -8.60 1.23
CA GLU A 17 3.03 -8.75 2.03
C GLU A 17 1.88 -7.92 1.46
N LEU A 18 2.08 -6.61 1.38
CA LEU A 18 1.07 -5.71 0.86
C LEU A 18 0.60 -6.17 -0.52
N GLU A 19 1.54 -6.31 -1.45
CA GLU A 19 1.22 -6.74 -2.81
C GLU A 19 0.40 -8.03 -2.78
N LYS A 20 0.62 -8.84 -1.76
CA LYS A 20 -0.10 -10.10 -1.63
C LYS A 20 -1.60 -9.86 -1.45
N GLU A 21 -1.96 -9.14 -0.40
CA GLU A 21 -3.36 -8.83 -0.11
C GLU A 21 -4.02 -8.18 -1.31
N PHE A 22 -3.22 -7.49 -2.12
CA PHE A 22 -3.73 -6.81 -3.30
C PHE A 22 -3.89 -7.79 -4.46
N HIS A 23 -2.98 -8.74 -4.56
CA HIS A 23 -3.01 -9.74 -5.62
C HIS A 23 -4.38 -10.40 -5.69
N PHE A 24 -5.06 -10.48 -4.56
CA PHE A 24 -6.38 -11.09 -4.48
C PHE A 24 -7.46 -10.10 -4.90
N ASN A 25 -7.42 -8.91 -4.30
CA ASN A 25 -8.39 -7.86 -4.61
C ASN A 25 -7.95 -6.52 -4.04
N HIS A 26 -8.68 -5.47 -4.39
CA HIS A 26 -8.37 -4.12 -3.91
C HIS A 26 -9.53 -3.55 -3.11
N TYR A 27 -9.49 -3.70 -1.80
CA TYR A 27 -10.54 -3.20 -0.94
C TYR A 27 -10.23 -3.49 0.53
N LEU A 28 -10.37 -2.47 1.37
CA LEU A 28 -10.09 -2.60 2.79
C LEU A 28 -10.95 -1.65 3.61
N THR A 29 -11.42 -2.11 4.76
CA THR A 29 -12.25 -1.29 5.64
C THR A 29 -11.47 -0.83 6.87
N ARG A 30 -12.16 -0.15 7.78
CA ARG A 30 -11.54 0.35 9.00
C ARG A 30 -10.88 -0.79 9.78
N ARG A 31 -11.66 -1.84 10.05
CA ARG A 31 -11.16 -2.99 10.79
C ARG A 31 -10.00 -3.65 10.04
N ARG A 32 -10.26 -4.08 8.81
CA ARG A 32 -9.24 -4.74 8.00
C ARG A 32 -7.96 -3.89 7.96
N ARG A 33 -8.10 -2.64 7.55
CA ARG A 33 -6.96 -1.74 7.45
C ARG A 33 -6.17 -1.72 8.77
N ILE A 34 -6.82 -1.29 9.84
CA ILE A 34 -6.19 -1.22 11.14
C ILE A 34 -5.57 -2.56 11.52
N GLU A 35 -6.20 -3.64 11.06
CA GLU A 35 -5.70 -4.99 11.35
C GLU A 35 -4.25 -5.14 10.92
N ILE A 36 -3.97 -4.82 9.65
CA ILE A 36 -2.62 -4.92 9.11
C ILE A 36 -1.79 -3.70 9.49
N ALA A 37 -2.47 -2.60 9.81
CA ALA A 37 -1.79 -1.37 10.19
C ALA A 37 -1.11 -1.52 11.55
N HIS A 38 -1.80 -2.16 12.49
CA HIS A 38 -1.26 -2.37 13.83
C HIS A 38 -0.36 -3.59 13.87
N ALA A 39 -0.67 -4.58 13.03
CA ALA A 39 0.11 -5.81 12.97
C ALA A 39 1.42 -5.59 12.23
N LEU A 40 1.35 -4.91 11.09
CA LEU A 40 2.54 -4.63 10.29
C LEU A 40 3.24 -3.37 10.78
N CYS A 41 2.69 -2.76 11.83
CA CYS A 41 3.27 -1.55 12.40
C CYS A 41 3.22 -0.40 11.40
N LEU A 42 2.34 -0.52 10.41
CA LEU A 42 2.20 0.51 9.38
C LEU A 42 1.00 1.41 9.68
N THR A 43 1.19 2.71 9.46
CA THR A 43 0.13 3.68 9.71
C THR A 43 -1.04 3.47 8.77
N GLU A 44 -2.25 3.72 9.25
CA GLU A 44 -3.46 3.56 8.45
C GLU A 44 -3.33 4.29 7.12
N ARG A 45 -3.08 5.60 7.19
CA ARG A 45 -2.94 6.42 6.00
C ARG A 45 -1.77 5.92 5.14
N GLN A 46 -0.71 5.49 5.80
CA GLN A 46 0.47 5.00 5.10
C GLN A 46 0.10 3.88 4.12
N ILE A 47 -0.56 2.86 4.64
CA ILE A 47 -0.97 1.72 3.81
C ILE A 47 -1.83 2.19 2.63
N LYS A 48 -2.77 3.08 2.91
CA LYS A 48 -3.65 3.61 1.86
C LYS A 48 -2.84 4.14 0.69
N ILE A 49 -1.91 5.04 0.97
CA ILE A 49 -1.07 5.62 -0.07
C ILE A 49 -0.41 4.53 -0.92
N TRP A 50 0.07 3.49 -0.26
CA TRP A 50 0.71 2.38 -0.95
C TRP A 50 -0.19 1.81 -2.03
N PHE A 51 -1.40 1.43 -1.64
CA PHE A 51 -2.37 0.87 -2.58
C PHE A 51 -2.53 1.77 -3.80
N GLN A 52 -2.50 3.07 -3.57
CA GLN A 52 -2.65 4.05 -4.65
C GLN A 52 -1.39 4.09 -5.51
N ASN A 53 -0.23 4.10 -4.85
CA ASN A 53 1.04 4.15 -5.55
C ASN A 53 1.14 3.04 -6.59
N ARG A 54 1.06 1.80 -6.13
CA ARG A 54 1.14 0.65 -7.02
C ARG A 54 0.03 0.70 -8.07
N ARG A 55 -1.14 1.18 -7.66
CA ARG A 55 -2.29 1.27 -8.56
C ARG A 55 -1.97 2.18 -9.75
N MET A 56 -1.05 3.11 -9.54
CA MET A 56 -0.65 4.04 -10.59
C MET A 56 -0.28 3.29 -11.86
N LYS A 57 0.40 2.16 -11.70
CA LYS A 57 0.83 1.35 -12.84
C LYS A 57 -0.33 0.49 -13.35
N LEU A 58 -1.20 0.08 -12.44
CA LEU A 58 -2.35 -0.75 -12.80
C LEU A 58 -3.15 -0.09 -13.94
N LYS A 59 -3.21 1.24 -13.93
CA LYS A 59 -3.93 1.98 -14.95
C LYS A 59 -3.16 1.98 -16.26
N LYS A 60 -1.92 2.44 -16.21
CA LYS A 60 -1.07 2.50 -17.40
C LYS A 60 0.07 1.49 -17.30
N GLU A 61 -0.11 0.32 -17.90
CA GLU A 61 0.90 -0.72 -17.87
C GLU A 61 1.85 -0.58 -19.07
N LEU A 62 2.75 0.40 -19.00
CA LEU A 62 3.71 0.64 -20.07
C LEU A 62 4.84 1.55 -19.59
N GLY A 1 18.34 4.13 -3.79
CA GLY A 1 17.37 5.20 -3.64
C GLY A 1 16.45 5.32 -4.84
N THR A 2 15.16 5.47 -4.59
CA THR A 2 14.17 5.60 -5.66
C THR A 2 13.13 6.65 -5.32
N ARG A 3 13.08 7.72 -6.10
CA ARG A 3 12.12 8.79 -5.88
C ARG A 3 12.19 9.30 -4.44
N ARG A 4 13.08 10.25 -4.19
CA ARG A 4 13.24 10.82 -2.86
C ARG A 4 12.39 12.07 -2.69
N ARG A 5 11.07 11.88 -2.67
CA ARG A 5 10.15 13.01 -2.52
C ARG A 5 9.48 12.97 -1.15
N GLY A 6 9.98 13.80 -0.24
CA GLY A 6 9.42 13.85 1.09
C GLY A 6 9.57 12.54 1.84
N ARG A 7 8.62 12.24 2.72
CA ARG A 7 8.66 11.02 3.50
C ARG A 7 7.41 10.18 3.28
N GLN A 8 7.53 9.16 2.44
CA GLN A 8 6.40 8.29 2.13
C GLN A 8 6.84 7.13 1.25
N THR A 9 7.92 6.46 1.64
CA THR A 9 8.43 5.32 0.87
C THR A 9 8.04 4.00 1.51
N TYR A 10 8.11 2.93 0.73
CA TYR A 10 7.75 1.60 1.23
C TYR A 10 8.85 0.60 0.92
N THR A 11 9.44 0.03 1.97
CA THR A 11 10.51 -0.95 1.81
C THR A 11 10.01 -2.20 1.08
N ARG A 12 10.94 -3.09 0.74
CA ARG A 12 10.60 -4.32 0.05
C ARG A 12 9.51 -5.09 0.80
N PHE A 13 9.71 -5.24 2.11
CA PHE A 13 8.76 -5.95 2.95
C PHE A 13 7.38 -5.33 2.86
N GLN A 14 7.34 -4.03 2.60
CA GLN A 14 6.08 -3.32 2.49
C GLN A 14 5.48 -3.46 1.08
N THR A 15 6.33 -3.28 0.07
CA THR A 15 5.89 -3.39 -1.31
C THR A 15 5.41 -4.80 -1.63
N LEU A 16 6.14 -5.79 -1.12
CA LEU A 16 5.78 -7.19 -1.34
C LEU A 16 4.52 -7.57 -0.55
N GLU A 17 4.53 -7.27 0.75
CA GLU A 17 3.40 -7.58 1.61
C GLU A 17 2.14 -6.89 1.11
N LEU A 18 2.23 -5.57 0.92
CA LEU A 18 1.09 -4.78 0.45
C LEU A 18 0.58 -5.31 -0.88
N GLU A 19 1.49 -5.52 -1.82
CA GLU A 19 1.13 -6.02 -3.14
C GLU A 19 0.54 -7.43 -3.04
N LYS A 20 0.99 -8.18 -2.03
CA LYS A 20 0.50 -9.53 -1.82
C LYS A 20 -1.01 -9.56 -1.61
N GLU A 21 -1.46 -8.86 -0.58
CA GLU A 21 -2.89 -8.80 -0.27
C GLU A 21 -3.66 -8.13 -1.41
N PHE A 22 -2.97 -7.27 -2.17
CA PHE A 22 -3.59 -6.56 -3.28
C PHE A 22 -3.72 -7.48 -4.50
N HIS A 23 -2.86 -8.50 -4.55
CA HIS A 23 -2.88 -9.44 -5.67
C HIS A 23 -4.14 -10.29 -5.65
N PHE A 24 -4.40 -10.92 -4.51
CA PHE A 24 -5.58 -11.77 -4.35
C PHE A 24 -6.86 -10.96 -4.53
N ASN A 25 -6.95 -9.83 -3.83
CA ASN A 25 -8.12 -8.97 -3.91
C ASN A 25 -7.76 -7.53 -3.56
N HIS A 26 -8.70 -6.62 -3.79
CA HIS A 26 -8.48 -5.21 -3.49
C HIS A 26 -9.62 -4.64 -2.65
N TYR A 27 -9.43 -4.65 -1.33
CA TYR A 27 -10.44 -4.15 -0.42
C TYR A 27 -9.96 -4.25 1.03
N LEU A 28 -10.11 -3.15 1.77
CA LEU A 28 -9.69 -3.12 3.16
C LEU A 28 -10.86 -2.75 4.07
N THR A 29 -10.87 -3.30 5.28
CA THR A 29 -11.93 -3.03 6.24
C THR A 29 -11.37 -2.38 7.51
N ARG A 30 -12.26 -2.05 8.44
CA ARG A 30 -11.86 -1.42 9.69
C ARG A 30 -10.79 -2.24 10.40
N ARG A 31 -11.15 -3.46 10.78
CA ARG A 31 -10.22 -4.36 11.46
C ARG A 31 -9.06 -4.74 10.55
N ARG A 32 -9.38 -5.09 9.32
CA ARG A 32 -8.36 -5.48 8.35
C ARG A 32 -7.25 -4.44 8.28
N ARG A 33 -7.64 -3.20 8.00
CA ARG A 33 -6.68 -2.10 7.90
C ARG A 33 -5.77 -2.06 9.13
N ILE A 34 -6.37 -1.83 10.29
CA ILE A 34 -5.62 -1.77 11.54
C ILE A 34 -4.75 -3.00 11.72
N GLU A 35 -5.23 -4.14 11.21
CA GLU A 35 -4.48 -5.39 11.31
C GLU A 35 -3.10 -5.25 10.72
N ILE A 36 -3.02 -4.79 9.48
CA ILE A 36 -1.74 -4.60 8.81
C ILE A 36 -1.08 -3.30 9.22
N ALA A 37 -1.88 -2.35 9.70
CA ALA A 37 -1.38 -1.06 10.14
C ALA A 37 -0.53 -1.20 11.40
N HIS A 38 -0.99 -2.02 12.33
CA HIS A 38 -0.28 -2.24 13.58
C HIS A 38 0.81 -3.30 13.40
N ALA A 39 0.56 -4.26 12.51
CA ALA A 39 1.51 -5.33 12.26
C ALA A 39 2.69 -4.82 11.42
N LEU A 40 2.38 -4.10 10.36
CA LEU A 40 3.41 -3.56 9.47
C LEU A 40 3.98 -2.27 10.04
N CYS A 41 3.47 -1.85 11.19
CA CYS A 41 3.92 -0.63 11.84
C CYS A 41 3.61 0.60 10.98
N LEU A 42 2.63 0.45 10.09
CA LEU A 42 2.24 1.55 9.21
C LEU A 42 1.02 2.28 9.76
N THR A 43 0.58 3.31 9.04
CA THR A 43 -0.58 4.09 9.45
C THR A 43 -1.81 3.74 8.60
N GLU A 44 -2.97 3.79 9.23
CA GLU A 44 -4.22 3.48 8.54
C GLU A 44 -4.34 4.29 7.25
N ARG A 45 -3.84 5.52 7.28
CA ARG A 45 -3.90 6.40 6.12
C ARG A 45 -2.93 5.93 5.04
N GLN A 46 -1.76 5.45 5.46
CA GLN A 46 -0.76 4.97 4.52
C GLN A 46 -1.31 3.87 3.63
N ILE A 47 -2.03 2.92 4.24
CA ILE A 47 -2.62 1.82 3.50
C ILE A 47 -3.69 2.32 2.54
N LYS A 48 -4.62 3.12 3.04
CA LYS A 48 -5.70 3.66 2.24
C LYS A 48 -5.15 4.33 0.98
N ILE A 49 -4.16 5.20 1.16
CA ILE A 49 -3.54 5.90 0.04
C ILE A 49 -2.75 4.94 -0.85
N TRP A 50 -2.07 3.99 -0.22
CA TRP A 50 -1.28 3.01 -0.95
C TRP A 50 -2.12 2.34 -2.04
N PHE A 51 -3.40 2.15 -1.76
CA PHE A 51 -4.31 1.52 -2.73
C PHE A 51 -4.76 2.53 -3.79
N GLN A 52 -5.14 3.73 -3.34
CA GLN A 52 -5.60 4.77 -4.25
C GLN A 52 -4.51 5.12 -5.26
N ASN A 53 -3.26 5.19 -4.79
CA ASN A 53 -2.14 5.52 -5.65
C ASN A 53 -1.82 4.35 -6.59
N ARG A 54 -1.64 3.17 -6.03
CA ARG A 54 -1.33 1.98 -6.81
C ARG A 54 -2.34 1.80 -7.93
N ARG A 55 -3.62 1.79 -7.57
CA ARG A 55 -4.69 1.62 -8.57
C ARG A 55 -4.63 2.73 -9.61
N MET A 56 -4.29 3.93 -9.18
CA MET A 56 -4.20 5.07 -10.08
C MET A 56 -3.25 4.79 -11.23
N LYS A 57 -2.13 4.14 -10.93
CA LYS A 57 -1.13 3.81 -11.94
C LYS A 57 -1.40 2.42 -12.52
N LEU A 58 -2.58 1.88 -12.23
CA LEU A 58 -2.95 0.56 -12.73
C LEU A 58 -3.94 0.68 -13.89
N LYS A 59 -3.85 1.78 -14.61
CA LYS A 59 -4.73 2.02 -15.75
C LYS A 59 -3.93 2.19 -17.03
N LYS A 60 -2.77 1.55 -17.09
CA LYS A 60 -1.91 1.62 -18.26
C LYS A 60 -1.30 0.26 -18.58
N GLU A 61 -0.91 0.07 -19.84
CA GLU A 61 -0.31 -1.19 -20.27
C GLU A 61 0.67 -0.96 -21.42
N LEU A 62 1.96 -1.03 -21.12
CA LEU A 62 3.00 -0.83 -22.12
C LEU A 62 2.78 -1.75 -23.32
N GLY A 1 21.21 1.38 -8.73
CA GLY A 1 20.49 2.62 -8.91
C GLY A 1 19.02 2.50 -8.59
N THR A 2 18.21 2.23 -9.61
CA THR A 2 16.77 2.09 -9.42
C THR A 2 16.18 3.32 -8.75
N ARG A 3 15.79 4.31 -9.55
CA ARG A 3 15.20 5.54 -9.02
C ARG A 3 13.75 5.68 -9.48
N ARG A 4 12.83 5.69 -8.52
CA ARG A 4 11.41 5.82 -8.81
C ARG A 4 10.94 7.25 -8.57
N ARG A 5 11.54 7.91 -7.59
CA ARG A 5 11.19 9.28 -7.25
C ARG A 5 9.75 9.36 -6.77
N GLY A 6 9.40 10.46 -6.10
CA GLY A 6 8.05 10.64 -5.60
C GLY A 6 8.02 11.04 -4.14
N ARG A 7 6.94 10.71 -3.45
CA ARG A 7 6.79 11.03 -2.04
C ARG A 7 6.22 9.86 -1.26
N GLN A 8 7.09 9.14 -0.55
CA GLN A 8 6.66 8.00 0.24
C GLN A 8 7.81 7.46 1.09
N THR A 9 7.47 6.85 2.22
CA THR A 9 8.48 6.30 3.11
C THR A 9 8.07 4.93 3.63
N TYR A 10 8.38 3.90 2.86
CA TYR A 10 8.04 2.53 3.23
C TYR A 10 9.27 1.62 3.16
N THR A 11 9.38 0.71 4.13
CA THR A 11 10.51 -0.21 4.19
C THR A 11 10.29 -1.39 3.26
N ARG A 12 11.36 -2.12 2.97
CA ARG A 12 11.29 -3.29 2.09
C ARG A 12 10.19 -4.24 2.55
N PHE A 13 10.03 -4.37 3.87
CA PHE A 13 9.01 -5.25 4.43
C PHE A 13 7.61 -4.78 4.06
N GLN A 14 7.29 -3.55 4.45
CA GLN A 14 5.98 -2.98 4.15
C GLN A 14 5.71 -2.95 2.64
N THR A 15 6.73 -2.58 1.88
CA THR A 15 6.62 -2.51 0.43
C THR A 15 6.23 -3.87 -0.15
N LEU A 16 7.10 -4.85 0.02
CA LEU A 16 6.84 -6.19 -0.48
C LEU A 16 5.55 -6.76 0.10
N GLU A 17 5.44 -6.73 1.42
CA GLU A 17 4.26 -7.24 2.10
C GLU A 17 2.99 -6.62 1.51
N LEU A 18 2.88 -5.31 1.61
CA LEU A 18 1.71 -4.60 1.08
C LEU A 18 1.53 -4.87 -0.41
N GLU A 19 2.65 -5.07 -1.11
CA GLU A 19 2.61 -5.33 -2.54
C GLU A 19 2.07 -6.73 -2.82
N LYS A 20 2.24 -7.63 -1.84
CA LYS A 20 1.77 -9.00 -1.98
C LYS A 20 0.25 -9.07 -1.89
N GLU A 21 -0.31 -8.45 -0.86
CA GLU A 21 -1.76 -8.44 -0.66
C GLU A 21 -2.45 -7.63 -1.75
N PHE A 22 -1.72 -6.67 -2.32
CA PHE A 22 -2.27 -5.82 -3.37
C PHE A 22 -2.17 -6.51 -4.73
N HIS A 23 -0.98 -7.03 -5.03
CA HIS A 23 -0.75 -7.71 -6.30
C HIS A 23 -1.77 -8.83 -6.51
N PHE A 24 -1.99 -9.62 -5.47
CA PHE A 24 -2.94 -10.72 -5.54
C PHE A 24 -4.36 -10.21 -5.83
N ASN A 25 -4.69 -9.08 -5.21
CA ASN A 25 -6.01 -8.48 -5.40
C ASN A 25 -6.13 -7.18 -4.62
N HIS A 26 -7.28 -6.51 -4.75
CA HIS A 26 -7.52 -5.25 -4.06
C HIS A 26 -8.90 -5.25 -3.40
N TYR A 27 -8.94 -5.61 -2.13
CA TYR A 27 -10.20 -5.66 -1.39
C TYR A 27 -9.98 -6.08 0.06
N LEU A 28 -10.56 -5.33 0.98
CA LEU A 28 -10.42 -5.64 2.41
C LEU A 28 -11.51 -4.95 3.21
N THR A 29 -12.00 -5.63 4.24
CA THR A 29 -13.06 -5.10 5.10
C THR A 29 -12.47 -4.29 6.24
N ARG A 30 -13.34 -3.72 7.08
CA ARG A 30 -12.91 -2.92 8.21
C ARG A 30 -11.88 -3.67 9.06
N ARG A 31 -12.30 -4.80 9.62
CA ARG A 31 -11.43 -5.61 10.46
C ARG A 31 -10.13 -5.94 9.72
N ARG A 32 -10.22 -6.10 8.40
CA ARG A 32 -9.07 -6.41 7.59
C ARG A 32 -8.10 -5.23 7.53
N ARG A 33 -8.65 -4.04 7.26
CA ARG A 33 -7.83 -2.83 7.18
C ARG A 33 -6.95 -2.68 8.41
N ILE A 34 -7.57 -2.77 9.58
CA ILE A 34 -6.83 -2.65 10.84
C ILE A 34 -5.92 -3.84 11.06
N GLU A 35 -6.26 -4.97 10.45
CA GLU A 35 -5.47 -6.18 10.57
C GLU A 35 -4.04 -5.96 10.11
N ILE A 36 -3.89 -5.39 8.91
CA ILE A 36 -2.58 -5.11 8.35
C ILE A 36 -2.01 -3.80 8.90
N ALA A 37 -2.89 -2.94 9.40
CA ALA A 37 -2.48 -1.66 9.95
C ALA A 37 -1.72 -1.86 11.26
N HIS A 38 -2.23 -2.74 12.11
CA HIS A 38 -1.60 -3.01 13.40
C HIS A 38 -0.43 -3.98 13.24
N ALA A 39 -0.59 -4.96 12.37
CA ALA A 39 0.45 -5.95 12.12
C ALA A 39 1.68 -5.30 11.49
N LEU A 40 1.45 -4.39 10.56
CA LEU A 40 2.53 -3.69 9.87
C LEU A 40 3.11 -2.59 10.76
N CYS A 41 2.51 -2.38 11.92
CA CYS A 41 2.96 -1.36 12.86
C CYS A 41 2.76 0.03 12.27
N LEU A 42 1.98 0.12 11.20
CA LEU A 42 1.72 1.40 10.55
C LEU A 42 0.37 1.96 11.00
N THR A 43 0.04 3.15 10.48
CA THR A 43 -1.22 3.79 10.83
C THR A 43 -2.28 3.53 9.77
N GLU A 44 -3.54 3.55 10.18
CA GLU A 44 -4.66 3.32 9.27
C GLU A 44 -4.55 4.20 8.04
N ARG A 45 -4.10 5.43 8.23
CA ARG A 45 -3.94 6.38 7.14
C ARG A 45 -2.94 5.87 6.11
N GLN A 46 -1.80 5.39 6.60
CA GLN A 46 -0.76 4.87 5.72
C GLN A 46 -1.32 3.82 4.77
N ILE A 47 -2.22 2.98 5.28
CA ILE A 47 -2.82 1.93 4.48
C ILE A 47 -3.66 2.51 3.35
N LYS A 48 -4.52 3.48 3.69
CA LYS A 48 -5.38 4.12 2.70
C LYS A 48 -4.55 4.85 1.65
N ILE A 49 -3.55 5.59 2.11
CA ILE A 49 -2.67 6.33 1.21
C ILE A 49 -1.85 5.39 0.34
N TRP A 50 -1.39 4.30 0.93
CA TRP A 50 -0.59 3.31 0.21
C TRP A 50 -1.30 2.88 -1.08
N PHE A 51 -2.51 2.34 -0.92
CA PHE A 51 -3.29 1.89 -2.05
C PHE A 51 -3.52 3.02 -3.06
N GLN A 52 -3.77 4.22 -2.54
CA GLN A 52 -3.99 5.38 -3.39
C GLN A 52 -2.79 5.66 -4.27
N ASN A 53 -1.62 5.81 -3.64
CA ASN A 53 -0.39 6.09 -4.36
C ASN A 53 -0.06 4.97 -5.33
N ARG A 54 -0.21 3.72 -4.87
CA ARG A 54 0.07 2.57 -5.71
C ARG A 54 -0.84 2.56 -6.94
N ARG A 55 -2.15 2.57 -6.70
CA ARG A 55 -3.12 2.56 -7.78
C ARG A 55 -2.90 3.74 -8.73
N MET A 56 -2.54 4.89 -8.16
CA MET A 56 -2.29 6.09 -8.94
C MET A 56 -1.31 5.81 -10.08
N LYS A 57 -0.18 5.20 -9.74
CA LYS A 57 0.83 4.88 -10.73
C LYS A 57 0.43 3.65 -11.54
N LEU A 58 -0.23 2.70 -10.89
CA LEU A 58 -0.67 1.47 -11.54
C LEU A 58 -1.50 1.80 -12.78
N LYS A 59 -2.54 2.59 -12.61
CA LYS A 59 -3.42 2.98 -13.70
C LYS A 59 -2.95 4.29 -14.34
N LYS A 60 -3.54 4.64 -15.48
CA LYS A 60 -3.19 5.86 -16.17
C LYS A 60 -4.31 6.89 -16.07
N GLU A 61 -5.55 6.40 -16.02
CA GLU A 61 -6.71 7.28 -15.91
C GLU A 61 -6.71 8.31 -17.03
N LEU A 62 -7.27 7.94 -18.17
CA LEU A 62 -7.33 8.84 -19.32
C LEU A 62 -8.77 9.00 -19.82
N GLY A 1 10.89 12.94 -14.48
CA GLY A 1 11.49 14.04 -13.75
C GLY A 1 10.54 14.66 -12.76
N THR A 2 9.95 13.84 -11.90
CA THR A 2 9.01 14.31 -10.89
C THR A 2 9.18 13.56 -9.58
N ARG A 3 9.56 14.29 -8.53
CA ARG A 3 9.75 13.69 -7.22
C ARG A 3 9.18 14.58 -6.12
N ARG A 4 7.86 14.50 -5.94
CA ARG A 4 7.19 15.31 -4.93
C ARG A 4 7.36 14.70 -3.54
N ARG A 5 6.81 13.50 -3.36
CA ARG A 5 6.91 12.80 -2.09
C ARG A 5 7.87 11.62 -2.18
N GLY A 6 8.39 11.19 -1.03
CA GLY A 6 9.31 10.07 -1.01
C GLY A 6 10.14 10.03 0.27
N ARG A 7 9.54 9.55 1.34
CA ARG A 7 10.22 9.45 2.63
C ARG A 7 10.49 7.99 2.99
N GLN A 8 11.77 7.65 3.10
CA GLN A 8 12.16 6.29 3.45
C GLN A 8 11.73 5.31 2.36
N THR A 9 12.06 4.03 2.56
CA THR A 9 11.70 2.99 1.60
C THR A 9 11.18 1.75 2.31
N TYR A 10 10.07 1.20 1.80
CA TYR A 10 9.47 0.02 2.39
C TYR A 10 10.47 -1.13 2.44
N THR A 11 10.09 -2.20 3.13
CA THR A 11 10.96 -3.37 3.26
C THR A 11 10.40 -4.55 2.48
N ARG A 12 11.24 -5.56 2.24
CA ARG A 12 10.83 -6.75 1.51
C ARG A 12 9.55 -7.33 2.10
N PHE A 13 9.39 -7.18 3.40
CA PHE A 13 8.21 -7.71 4.09
C PHE A 13 6.95 -6.96 3.66
N GLN A 14 6.95 -5.65 3.87
CA GLN A 14 5.82 -4.81 3.51
C GLN A 14 5.57 -4.86 2.00
N THR A 15 6.65 -4.98 1.23
CA THR A 15 6.56 -5.03 -0.22
C THR A 15 5.92 -6.33 -0.69
N LEU A 16 6.48 -7.45 -0.23
CA LEU A 16 5.96 -8.77 -0.60
C LEU A 16 4.58 -9.00 0.00
N GLU A 17 4.32 -8.35 1.14
CA GLU A 17 3.03 -8.49 1.81
C GLU A 17 1.97 -7.64 1.14
N LEU A 18 2.22 -6.34 1.08
CA LEU A 18 1.28 -5.41 0.45
C LEU A 18 0.90 -5.87 -0.95
N GLU A 19 1.89 -6.37 -1.68
CA GLU A 19 1.65 -6.85 -3.03
C GLU A 19 0.96 -8.21 -3.03
N LYS A 20 1.25 -9.01 -2.01
CA LYS A 20 0.64 -10.33 -1.87
C LYS A 20 -0.87 -10.25 -1.92
N GLU A 21 -1.43 -9.31 -1.16
CA GLU A 21 -2.88 -9.13 -1.12
C GLU A 21 -3.35 -8.24 -2.26
N PHE A 22 -2.65 -7.14 -2.47
CA PHE A 22 -2.98 -6.20 -3.53
C PHE A 22 -3.05 -6.90 -4.88
N HIS A 23 -2.31 -8.00 -5.01
CA HIS A 23 -2.29 -8.77 -6.24
C HIS A 23 -3.66 -9.35 -6.56
N PHE A 24 -4.24 -10.02 -5.57
CA PHE A 24 -5.56 -10.63 -5.73
C PHE A 24 -6.61 -9.57 -6.02
N ASN A 25 -6.56 -8.46 -5.28
CA ASN A 25 -7.51 -7.37 -5.46
C ASN A 25 -7.17 -6.20 -4.55
N HIS A 26 -7.48 -4.99 -5.02
CA HIS A 26 -7.21 -3.79 -4.24
C HIS A 26 -8.50 -3.20 -3.68
N TYR A 27 -8.81 -3.56 -2.44
CA TYR A 27 -10.03 -3.07 -1.78
C TYR A 27 -10.14 -3.61 -0.37
N LEU A 28 -10.42 -2.73 0.58
CA LEU A 28 -10.55 -3.12 1.98
C LEU A 28 -11.49 -2.17 2.72
N THR A 29 -11.93 -2.58 3.90
CA THR A 29 -12.82 -1.77 4.71
C THR A 29 -12.06 -1.03 5.80
N ARG A 30 -12.76 -0.17 6.54
CA ARG A 30 -12.15 0.59 7.61
C ARG A 30 -11.41 -0.32 8.58
N ARG A 31 -12.15 -1.21 9.23
CA ARG A 31 -11.56 -2.15 10.19
C ARG A 31 -10.48 -2.99 9.52
N ARG A 32 -10.78 -3.52 8.34
CA ARG A 32 -9.84 -4.34 7.60
C ARG A 32 -8.49 -3.63 7.46
N ARG A 33 -8.54 -2.39 6.99
CA ARG A 33 -7.33 -1.60 6.80
C ARG A 33 -6.47 -1.59 8.07
N ILE A 34 -7.07 -1.15 9.18
CA ILE A 34 -6.37 -1.09 10.45
C ILE A 34 -5.79 -2.46 10.82
N GLU A 35 -6.51 -3.52 10.46
CA GLU A 35 -6.07 -4.87 10.75
C GLU A 35 -4.67 -5.12 10.20
N ILE A 36 -4.48 -4.83 8.91
CA ILE A 36 -3.19 -5.03 8.26
C ILE A 36 -2.24 -3.88 8.60
N ALA A 37 -2.80 -2.71 8.88
CA ALA A 37 -1.99 -1.54 9.22
C ALA A 37 -1.16 -1.79 10.47
N HIS A 38 -1.81 -2.28 11.51
CA HIS A 38 -1.13 -2.57 12.77
C HIS A 38 -0.24 -3.80 12.65
N ALA A 39 -0.76 -4.82 11.97
CA ALA A 39 -0.02 -6.07 11.78
C ALA A 39 1.23 -5.83 10.92
N LEU A 40 1.19 -4.78 10.12
CA LEU A 40 2.30 -4.44 9.23
C LEU A 40 3.25 -3.46 9.92
N CYS A 41 2.87 -3.00 11.10
CA CYS A 41 3.69 -2.06 11.86
C CYS A 41 3.78 -0.72 11.13
N LEU A 42 2.91 -0.53 10.15
CA LEU A 42 2.89 0.71 9.38
C LEU A 42 1.63 1.52 9.67
N THR A 43 1.74 2.84 9.56
CA THR A 43 0.60 3.72 9.81
C THR A 43 -0.43 3.62 8.69
N GLU A 44 -1.69 3.80 9.05
CA GLU A 44 -2.77 3.72 8.07
C GLU A 44 -2.49 4.63 6.88
N ARG A 45 -1.83 5.74 7.13
CA ARG A 45 -1.50 6.70 6.08
C ARG A 45 -0.44 6.12 5.14
N GLN A 46 0.57 5.50 5.71
CA GLN A 46 1.64 4.90 4.92
C GLN A 46 1.09 3.94 3.89
N ILE A 47 0.23 3.04 4.33
CA ILE A 47 -0.38 2.06 3.43
C ILE A 47 -1.20 2.74 2.34
N LYS A 48 -1.92 3.79 2.71
CA LYS A 48 -2.74 4.54 1.78
C LYS A 48 -1.92 4.94 0.55
N ILE A 49 -0.73 5.47 0.78
CA ILE A 49 0.14 5.89 -0.30
C ILE A 49 0.61 4.70 -1.13
N TRP A 50 0.90 3.59 -0.45
CA TRP A 50 1.35 2.38 -1.13
C TRP A 50 0.31 1.90 -2.14
N PHE A 51 -0.92 1.77 -1.69
CA PHE A 51 -2.01 1.32 -2.56
C PHE A 51 -2.16 2.24 -3.76
N GLN A 52 -2.01 3.54 -3.52
CA GLN A 52 -2.14 4.53 -4.59
C GLN A 52 -0.95 4.44 -5.56
N ASN A 53 0.24 4.24 -5.01
CA ASN A 53 1.45 4.13 -5.82
C ASN A 53 1.34 2.98 -6.81
N ARG A 54 1.20 1.76 -6.28
CA ARG A 54 1.08 0.57 -7.11
C ARG A 54 -0.02 0.74 -8.15
N ARG A 55 -1.21 1.11 -7.69
CA ARG A 55 -2.35 1.30 -8.57
C ARG A 55 -2.02 2.31 -9.68
N MET A 56 -1.18 3.29 -9.34
CA MET A 56 -0.78 4.31 -10.30
C MET A 56 -0.07 3.69 -11.49
N LYS A 57 0.99 2.94 -11.22
CA LYS A 57 1.75 2.29 -12.27
C LYS A 57 0.89 1.32 -13.06
N LEU A 58 -0.03 0.65 -12.37
CA LEU A 58 -0.93 -0.31 -13.02
C LEU A 58 -1.75 0.38 -14.11
N LYS A 59 -2.24 -0.41 -15.05
CA LYS A 59 -3.05 0.11 -16.15
C LYS A 59 -4.54 -0.13 -15.89
N LYS A 60 -5.36 0.86 -16.23
CA LYS A 60 -6.80 0.75 -16.02
C LYS A 60 -7.51 0.43 -17.35
N GLU A 61 -7.17 1.18 -18.39
CA GLU A 61 -7.77 0.97 -19.70
C GLU A 61 -6.97 -0.03 -20.51
N LEU A 62 -7.65 -0.79 -21.36
CA LEU A 62 -7.00 -1.79 -22.20
C LEU A 62 -6.57 -1.19 -23.53
N GLY A 1 3.37 21.97 4.05
CA GLY A 1 1.94 21.80 4.24
C GLY A 1 1.47 20.40 3.88
N THR A 2 1.91 19.92 2.72
CA THR A 2 1.53 18.59 2.25
C THR A 2 2.72 17.63 2.29
N ARG A 3 3.91 18.16 2.05
CA ARG A 3 5.13 17.36 2.06
C ARG A 3 5.30 16.64 3.39
N ARG A 4 6.04 15.54 3.37
CA ARG A 4 6.28 14.75 4.57
C ARG A 4 7.33 13.68 4.34
N ARG A 5 8.02 13.29 5.40
CA ARG A 5 9.06 12.27 5.30
C ARG A 5 9.11 11.41 6.56
N GLY A 6 9.55 10.17 6.40
CA GLY A 6 9.64 9.27 7.54
C GLY A 6 10.50 8.05 7.26
N ARG A 7 9.86 6.88 7.17
CA ARG A 7 10.57 5.65 6.91
C ARG A 7 11.41 5.77 5.64
N GLN A 8 12.50 4.98 5.57
CA GLN A 8 13.38 5.01 4.42
C GLN A 8 12.64 4.60 3.15
N THR A 9 12.35 3.32 3.01
CA THR A 9 11.64 2.81 1.85
C THR A 9 10.97 1.47 2.15
N TYR A 10 10.09 1.04 1.26
CA TYR A 10 9.37 -0.22 1.43
C TYR A 10 10.33 -1.40 1.27
N THR A 11 10.39 -2.25 2.29
CA THR A 11 11.27 -3.42 2.25
C THR A 11 10.60 -4.57 1.52
N ARG A 12 11.36 -5.64 1.29
CA ARG A 12 10.84 -6.82 0.60
C ARG A 12 9.58 -7.33 1.28
N PHE A 13 9.58 -7.31 2.61
CA PHE A 13 8.44 -7.77 3.38
C PHE A 13 7.16 -7.03 2.97
N GLN A 14 7.26 -5.71 2.85
CA GLN A 14 6.13 -4.89 2.47
C GLN A 14 5.72 -5.15 1.03
N THR A 15 6.70 -5.11 0.13
CA THR A 15 6.45 -5.34 -1.29
C THR A 15 5.80 -6.70 -1.51
N LEU A 16 6.27 -7.71 -0.79
CA LEU A 16 5.74 -9.06 -0.90
C LEU A 16 4.37 -9.17 -0.23
N GLU A 17 4.34 -8.86 1.06
CA GLU A 17 3.10 -8.93 1.83
C GLU A 17 1.99 -8.14 1.13
N LEU A 18 2.23 -6.86 0.93
CA LEU A 18 1.25 -5.99 0.27
C LEU A 18 0.78 -6.60 -1.05
N GLU A 19 1.73 -6.86 -1.95
CA GLU A 19 1.41 -7.44 -3.24
C GLU A 19 0.63 -8.74 -3.08
N LYS A 20 0.86 -9.43 -1.97
CA LYS A 20 0.18 -10.69 -1.70
C LYS A 20 -1.32 -10.45 -1.50
N GLU A 21 -1.66 -9.36 -0.83
CA GLU A 21 -3.06 -9.03 -0.57
C GLU A 21 -3.67 -8.28 -1.74
N PHE A 22 -2.86 -7.43 -2.38
CA PHE A 22 -3.31 -6.64 -3.52
C PHE A 22 -3.54 -7.54 -4.73
N HIS A 23 -2.48 -8.20 -5.18
CA HIS A 23 -2.57 -9.11 -6.34
C HIS A 23 -3.70 -10.11 -6.16
N PHE A 24 -3.98 -10.46 -4.91
CA PHE A 24 -5.04 -11.41 -4.61
C PHE A 24 -6.40 -10.72 -4.54
N ASN A 25 -6.40 -9.46 -4.10
CA ASN A 25 -7.63 -8.69 -4.00
C ASN A 25 -7.33 -7.20 -3.94
N HIS A 26 -8.05 -6.42 -4.73
CA HIS A 26 -7.87 -4.98 -4.77
C HIS A 26 -9.06 -4.26 -4.14
N TYR A 27 -8.95 -3.95 -2.86
CA TYR A 27 -10.02 -3.27 -2.14
C TYR A 27 -9.63 -3.01 -0.69
N LEU A 28 -9.84 -1.78 -0.23
CA LEU A 28 -9.51 -1.41 1.14
C LEU A 28 -10.52 -0.40 1.68
N THR A 29 -10.84 -0.54 2.97
CA THR A 29 -11.80 0.35 3.62
C THR A 29 -11.14 1.12 4.76
N ARG A 30 -11.94 1.90 5.47
CA ARG A 30 -11.44 2.70 6.59
C ARG A 30 -10.75 1.81 7.62
N ARG A 31 -11.51 0.91 8.22
CA ARG A 31 -10.97 0.00 9.22
C ARG A 31 -9.89 -0.90 8.62
N ARG A 32 -10.19 -1.49 7.47
CA ARG A 32 -9.25 -2.37 6.79
C ARG A 32 -7.90 -1.69 6.63
N ARG A 33 -7.91 -0.49 6.06
CA ARG A 33 -6.68 0.27 5.84
C ARG A 33 -5.89 0.41 7.14
N ILE A 34 -6.50 1.07 8.12
CA ILE A 34 -5.85 1.28 9.41
C ILE A 34 -5.42 -0.05 10.03
N GLU A 35 -6.11 -1.12 9.65
CA GLU A 35 -5.80 -2.44 10.17
C GLU A 35 -4.36 -2.84 9.82
N ILE A 36 -4.03 -2.80 8.54
CA ILE A 36 -2.68 -3.15 8.09
C ILE A 36 -1.72 -1.99 8.28
N ALA A 37 -2.26 -0.78 8.40
CA ALA A 37 -1.45 0.41 8.60
C ALA A 37 -0.74 0.38 9.94
N HIS A 38 -1.49 0.03 10.99
CA HIS A 38 -0.92 -0.03 12.34
C HIS A 38 -0.24 -1.37 12.57
N ALA A 39 -0.74 -2.41 11.90
CA ALA A 39 -0.18 -3.75 12.03
C ALA A 39 1.16 -3.86 11.32
N LEU A 40 1.23 -3.30 10.12
CA LEU A 40 2.46 -3.33 9.33
C LEU A 40 3.40 -2.20 9.72
N CYS A 41 2.99 -1.43 10.72
CA CYS A 41 3.79 -0.31 11.20
C CYS A 41 3.96 0.75 10.11
N LEU A 42 3.04 0.74 9.15
CA LEU A 42 3.09 1.70 8.05
C LEU A 42 2.15 2.88 8.29
N THR A 43 2.12 3.82 7.36
CA THR A 43 1.26 4.99 7.47
C THR A 43 0.09 4.90 6.49
N GLU A 44 -1.06 5.43 6.91
CA GLU A 44 -2.25 5.42 6.07
C GLU A 44 -1.95 6.03 4.70
N ARG A 45 -1.35 7.21 4.71
CA ARG A 45 -1.01 7.90 3.46
C ARG A 45 -0.11 7.04 2.59
N GLN A 46 0.94 6.48 3.20
CA GLN A 46 1.87 5.64 2.47
C GLN A 46 1.14 4.56 1.68
N ILE A 47 0.25 3.84 2.36
CA ILE A 47 -0.52 2.77 1.73
C ILE A 47 -1.32 3.31 0.55
N LYS A 48 -1.77 4.56 0.66
CA LYS A 48 -2.56 5.19 -0.39
C LYS A 48 -1.78 5.21 -1.70
N ILE A 49 -0.60 5.81 -1.67
CA ILE A 49 0.24 5.90 -2.86
C ILE A 49 0.56 4.52 -3.41
N TRP A 50 0.77 3.56 -2.51
CA TRP A 50 1.09 2.20 -2.91
C TRP A 50 0.07 1.67 -3.92
N PHE A 51 -1.20 1.76 -3.57
CA PHE A 51 -2.27 1.29 -4.45
C PHE A 51 -2.51 2.29 -5.58
N GLN A 52 -2.14 3.55 -5.34
CA GLN A 52 -2.32 4.59 -6.34
C GLN A 52 -1.44 4.35 -7.56
N ASN A 53 -0.16 4.09 -7.31
CA ASN A 53 0.80 3.84 -8.37
C ASN A 53 0.54 2.49 -9.04
N ARG A 54 0.46 1.44 -8.23
CA ARG A 54 0.20 0.10 -8.74
C ARG A 54 -1.03 0.09 -9.64
N ARG A 55 -2.17 0.49 -9.08
CA ARG A 55 -3.42 0.52 -9.84
C ARG A 55 -3.25 1.29 -11.14
N MET A 56 -2.53 2.41 -11.07
CA MET A 56 -2.30 3.24 -12.25
C MET A 56 -1.59 2.44 -13.33
N LYS A 57 -0.78 1.48 -12.93
CA LYS A 57 -0.04 0.64 -13.87
C LYS A 57 -0.85 -0.58 -14.27
N LEU A 58 -1.68 -1.06 -13.35
CA LEU A 58 -2.52 -2.24 -13.60
C LEU A 58 -3.32 -2.05 -14.89
N LYS A 59 -3.02 -2.87 -15.90
CA LYS A 59 -3.72 -2.79 -17.17
C LYS A 59 -4.29 -4.16 -17.55
N LYS A 60 -5.27 -4.62 -16.77
CA LYS A 60 -5.90 -5.91 -17.04
C LYS A 60 -7.34 -5.72 -17.52
N GLU A 61 -7.94 -4.60 -17.14
CA GLU A 61 -9.31 -4.30 -17.55
C GLU A 61 -9.43 -4.23 -19.07
N LEU A 62 -8.72 -3.29 -19.67
CA LEU A 62 -8.75 -3.11 -21.13
C LEU A 62 -7.95 -4.22 -21.81
N GLY A 1 16.86 6.15 -13.81
CA GLY A 1 17.07 7.42 -13.15
C GLY A 1 15.80 8.24 -13.04
N THR A 2 14.81 7.71 -12.32
CA THR A 2 13.54 8.41 -12.15
C THR A 2 13.42 8.99 -10.75
N ARG A 3 13.44 8.12 -9.74
CA ARG A 3 13.33 8.56 -8.36
C ARG A 3 14.18 7.69 -7.45
N ARG A 4 14.99 8.33 -6.61
CA ARG A 4 15.86 7.60 -5.68
C ARG A 4 15.52 7.95 -4.23
N ARG A 5 15.25 9.22 -3.99
CA ARG A 5 14.92 9.70 -2.66
C ARG A 5 13.85 10.79 -2.70
N GLY A 6 13.01 10.84 -1.67
CA GLY A 6 11.97 11.84 -1.62
C GLY A 6 11.56 12.18 -0.20
N ARG A 7 10.26 12.23 0.04
CA ARG A 7 9.74 12.56 1.36
C ARG A 7 8.57 11.64 1.73
N GLN A 8 8.73 10.92 2.84
CA GLN A 8 7.69 10.00 3.30
C GLN A 8 7.39 8.94 2.25
N THR A 9 8.23 7.90 2.21
CA THR A 9 8.07 6.82 1.26
C THR A 9 7.91 5.48 1.96
N TYR A 10 7.26 4.53 1.29
CA TYR A 10 7.05 3.20 1.85
C TYR A 10 8.33 2.37 1.80
N THR A 11 8.51 1.52 2.81
CA THR A 11 9.69 0.67 2.87
C THR A 11 9.55 -0.54 1.95
N ARG A 12 10.66 -1.26 1.75
CA ARG A 12 10.65 -2.43 0.90
C ARG A 12 9.66 -3.48 1.41
N PHE A 13 9.77 -3.80 2.70
CA PHE A 13 8.89 -4.78 3.31
C PHE A 13 7.42 -4.45 3.03
N GLN A 14 7.09 -3.16 3.06
CA GLN A 14 5.73 -2.71 2.80
C GLN A 14 5.34 -2.94 1.35
N THR A 15 6.26 -2.65 0.43
CA THR A 15 6.01 -2.82 -0.98
C THR A 15 5.75 -4.28 -1.33
N LEU A 16 6.56 -5.17 -0.76
CA LEU A 16 6.42 -6.60 -1.01
C LEU A 16 5.21 -7.16 -0.27
N GLU A 17 5.08 -6.80 1.01
CA GLU A 17 3.97 -7.26 1.83
C GLU A 17 2.64 -6.80 1.24
N LEU A 18 2.46 -5.50 1.14
CA LEU A 18 1.23 -4.93 0.59
C LEU A 18 0.90 -5.55 -0.77
N GLU A 19 1.91 -5.64 -1.63
CA GLU A 19 1.71 -6.21 -2.96
C GLU A 19 1.36 -7.69 -2.87
N LYS A 20 1.89 -8.37 -1.86
CA LYS A 20 1.62 -9.79 -1.65
C LYS A 20 0.13 -10.04 -1.54
N GLU A 21 -0.51 -9.36 -0.60
CA GLU A 21 -1.95 -9.52 -0.39
C GLU A 21 -2.73 -8.98 -1.58
N PHE A 22 -2.14 -8.04 -2.30
CA PHE A 22 -2.79 -7.44 -3.46
C PHE A 22 -2.72 -8.38 -4.66
N HIS A 23 -1.74 -9.28 -4.66
CA HIS A 23 -1.56 -10.23 -5.74
C HIS A 23 -2.70 -11.25 -5.76
N PHE A 24 -3.00 -11.82 -4.60
CA PHE A 24 -4.06 -12.81 -4.47
C PHE A 24 -5.41 -12.21 -4.84
N ASN A 25 -5.72 -11.05 -4.26
CA ASN A 25 -6.98 -10.37 -4.53
C ASN A 25 -6.87 -8.88 -4.22
N HIS A 26 -7.91 -8.12 -4.58
CA HIS A 26 -7.93 -6.69 -4.34
C HIS A 26 -9.19 -6.27 -3.60
N TYR A 27 -9.10 -6.20 -2.28
CA TYR A 27 -10.23 -5.83 -1.44
C TYR A 27 -9.85 -5.80 0.02
N LEU A 28 -10.20 -4.72 0.71
CA LEU A 28 -9.90 -4.57 2.13
C LEU A 28 -11.17 -4.31 2.93
N THR A 29 -11.17 -4.75 4.19
CA THR A 29 -12.32 -4.56 5.06
C THR A 29 -11.96 -3.70 6.27
N ARG A 30 -12.97 -3.31 7.03
CA ARG A 30 -12.76 -2.48 8.21
C ARG A 30 -11.73 -3.12 9.14
N ARG A 31 -11.98 -4.37 9.53
CA ARG A 31 -11.07 -5.10 10.41
C ARG A 31 -9.79 -5.47 9.69
N ARG A 32 -9.93 -5.94 8.45
CA ARG A 32 -8.78 -6.34 7.65
C ARG A 32 -7.75 -5.23 7.58
N ARG A 33 -8.17 -4.04 7.14
CA ARG A 33 -7.29 -2.90 7.03
C ARG A 33 -6.61 -2.60 8.37
N ILE A 34 -7.43 -2.35 9.39
CA ILE A 34 -6.92 -2.04 10.72
C ILE A 34 -5.97 -3.14 11.20
N GLU A 35 -6.19 -4.37 10.74
CA GLU A 35 -5.36 -5.50 11.12
C GLU A 35 -3.91 -5.26 10.70
N ILE A 36 -3.71 -4.94 9.43
CA ILE A 36 -2.37 -4.69 8.90
C ILE A 36 -1.90 -3.29 9.24
N ALA A 37 -2.85 -2.39 9.49
CA ALA A 37 -2.54 -1.01 9.83
C ALA A 37 -1.78 -0.94 11.15
N HIS A 38 -2.34 -1.56 12.19
CA HIS A 38 -1.71 -1.55 13.50
C HIS A 38 -0.57 -2.56 13.56
N ALA A 39 -0.69 -3.63 12.79
CA ALA A 39 0.33 -4.68 12.76
C ALA A 39 1.59 -4.18 12.06
N LEU A 40 1.40 -3.43 10.98
CA LEU A 40 2.53 -2.89 10.22
C LEU A 40 2.99 -1.55 10.80
N CYS A 41 2.42 -1.18 11.94
CA CYS A 41 2.76 0.08 12.59
C CYS A 41 2.45 1.27 11.69
N LEU A 42 1.60 1.04 10.70
CA LEU A 42 1.22 2.10 9.77
C LEU A 42 -0.13 2.70 10.14
N THR A 43 -0.58 3.68 9.37
CA THR A 43 -1.85 4.34 9.63
C THR A 43 -2.93 3.86 8.65
N GLU A 44 -4.17 3.78 9.12
CA GLU A 44 -5.27 3.35 8.28
C GLU A 44 -5.33 4.15 6.99
N ARG A 45 -5.26 5.48 7.12
CA ARG A 45 -5.30 6.36 5.97
C ARG A 45 -4.10 6.12 5.04
N GLN A 46 -2.97 5.80 5.65
CA GLN A 46 -1.75 5.55 4.89
C GLN A 46 -1.96 4.42 3.87
N ILE A 47 -2.37 3.26 4.38
CA ILE A 47 -2.61 2.10 3.51
C ILE A 47 -3.61 2.44 2.41
N LYS A 48 -4.66 3.17 2.78
CA LYS A 48 -5.68 3.56 1.82
C LYS A 48 -5.06 4.21 0.58
N ILE A 49 -4.23 5.22 0.80
CA ILE A 49 -3.57 5.92 -0.29
C ILE A 49 -2.68 4.97 -1.08
N TRP A 50 -1.96 4.12 -0.38
CA TRP A 50 -1.06 3.16 -1.01
C TRP A 50 -1.80 2.37 -2.09
N PHE A 51 -2.87 1.70 -1.69
CA PHE A 51 -3.66 0.90 -2.64
C PHE A 51 -4.10 1.75 -3.83
N GLN A 52 -4.50 2.99 -3.56
CA GLN A 52 -4.95 3.89 -4.61
C GLN A 52 -3.81 4.22 -5.57
N ASN A 53 -2.61 4.39 -5.02
CA ASN A 53 -1.44 4.71 -5.83
C ASN A 53 -0.99 3.50 -6.65
N ARG A 54 -1.31 2.31 -6.15
CA ARG A 54 -0.95 1.07 -6.83
C ARG A 54 -1.89 0.80 -8.01
N ARG A 55 -3.17 0.69 -7.71
CA ARG A 55 -4.18 0.43 -8.75
C ARG A 55 -4.15 1.53 -9.81
N MET A 56 -3.86 2.75 -9.39
CA MET A 56 -3.80 3.88 -10.30
C MET A 56 -2.86 3.59 -11.47
N LYS A 57 -1.63 3.16 -11.14
CA LYS A 57 -0.64 2.85 -12.16
C LYS A 57 -0.99 1.55 -12.88
N LEU A 58 -1.72 0.68 -12.19
CA LEU A 58 -2.11 -0.60 -12.77
C LEU A 58 -2.99 -0.39 -14.01
N LYS A 59 -4.03 0.41 -13.87
CA LYS A 59 -4.93 0.69 -14.97
C LYS A 59 -4.67 2.08 -15.55
N LYS A 60 -4.23 2.11 -16.80
CA LYS A 60 -3.93 3.37 -17.48
C LYS A 60 -2.88 4.16 -16.73
N GLU A 61 -1.62 4.02 -17.16
CA GLU A 61 -0.52 4.72 -16.52
C GLU A 61 -0.65 6.23 -16.72
N LEU A 62 0.36 6.97 -16.23
CA LEU A 62 0.35 8.42 -16.35
C LEU A 62 1.20 8.87 -17.54
N GLY A 1 12.52 12.20 -9.98
CA GLY A 1 11.84 12.85 -8.87
C GLY A 1 12.63 12.76 -7.57
N THR A 2 13.29 11.61 -7.37
CA THR A 2 14.07 11.40 -6.17
C THR A 2 15.27 12.34 -6.11
N ARG A 3 15.16 13.41 -5.35
CA ARG A 3 16.24 14.38 -5.22
C ARG A 3 16.68 14.51 -3.77
N ARG A 4 15.86 15.16 -2.95
CA ARG A 4 16.17 15.36 -1.54
C ARG A 4 14.90 15.32 -0.69
N ARG A 5 14.66 14.18 -0.05
CA ARG A 5 13.48 14.02 0.79
C ARG A 5 13.73 12.99 1.88
N GLY A 6 13.48 13.38 3.13
CA GLY A 6 13.68 12.47 4.25
C GLY A 6 12.38 12.08 4.92
N ARG A 7 11.49 11.44 4.16
CA ARG A 7 10.20 11.00 4.68
C ARG A 7 10.17 9.49 4.84
N GLN A 8 9.08 8.99 5.42
CA GLN A 8 8.91 7.55 5.63
C GLN A 8 8.74 6.82 4.31
N THR A 9 9.06 5.54 4.30
CA THR A 9 8.94 4.72 3.09
C THR A 9 8.56 3.29 3.44
N TYR A 10 8.43 2.45 2.41
CA TYR A 10 8.07 1.05 2.61
C TYR A 10 9.29 0.15 2.43
N THR A 11 9.65 -0.56 3.48
CA THR A 11 10.80 -1.47 3.44
C THR A 11 10.52 -2.67 2.54
N ARG A 12 11.56 -3.42 2.23
CA ARG A 12 11.42 -4.60 1.38
C ARG A 12 10.32 -5.53 1.90
N PHE A 13 10.22 -5.63 3.22
CA PHE A 13 9.22 -6.47 3.85
C PHE A 13 7.81 -5.97 3.53
N GLN A 14 7.67 -4.65 3.47
CA GLN A 14 6.37 -4.04 3.18
C GLN A 14 6.04 -4.14 1.69
N THR A 15 7.08 -4.07 0.86
CA THR A 15 6.91 -4.14 -0.58
C THR A 15 6.40 -5.52 -1.01
N LEU A 16 7.05 -6.57 -0.51
CA LEU A 16 6.66 -7.93 -0.83
C LEU A 16 5.35 -8.30 -0.15
N GLU A 17 5.16 -7.77 1.06
CA GLU A 17 3.93 -8.05 1.82
C GLU A 17 2.73 -7.36 1.19
N LEU A 18 2.79 -6.03 1.13
CA LEU A 18 1.70 -5.24 0.56
C LEU A 18 1.37 -5.72 -0.86
N GLU A 19 2.38 -6.19 -1.57
CA GLU A 19 2.20 -6.68 -2.93
C GLU A 19 1.68 -8.11 -2.93
N LYS A 20 2.09 -8.88 -1.93
CA LYS A 20 1.66 -10.27 -1.82
C LYS A 20 0.15 -10.38 -1.80
N GLU A 21 -0.50 -9.54 -0.99
CA GLU A 21 -1.96 -9.53 -0.89
C GLU A 21 -2.58 -8.79 -2.07
N PHE A 22 -2.06 -7.60 -2.35
CA PHE A 22 -2.57 -6.80 -3.46
C PHE A 22 -2.53 -7.57 -4.77
N HIS A 23 -1.63 -8.55 -4.85
CA HIS A 23 -1.50 -9.38 -6.04
C HIS A 23 -2.63 -10.39 -6.14
N PHE A 24 -2.74 -11.24 -5.12
CA PHE A 24 -3.78 -12.26 -5.09
C PHE A 24 -5.17 -11.62 -5.07
N ASN A 25 -5.36 -10.67 -4.18
CA ASN A 25 -6.65 -9.98 -4.07
C ASN A 25 -6.46 -8.58 -3.48
N HIS A 26 -6.91 -7.58 -4.23
CA HIS A 26 -6.80 -6.19 -3.78
C HIS A 26 -8.15 -5.64 -3.36
N TYR A 27 -8.44 -5.73 -2.06
CA TYR A 27 -9.71 -5.24 -1.53
C TYR A 27 -9.78 -5.44 -0.02
N LEU A 28 -10.17 -4.38 0.69
CA LEU A 28 -10.28 -4.43 2.14
C LEU A 28 -11.17 -3.32 2.66
N THR A 29 -11.82 -3.56 3.79
CA THR A 29 -12.71 -2.58 4.40
C THR A 29 -12.00 -1.80 5.49
N ARG A 30 -12.71 -0.85 6.10
CA ARG A 30 -12.14 -0.04 7.16
C ARG A 30 -11.49 -0.92 8.24
N ARG A 31 -12.23 -1.92 8.69
CA ARG A 31 -11.73 -2.84 9.71
C ARG A 31 -10.45 -3.53 9.25
N ARG A 32 -10.45 -4.00 8.01
CA ARG A 32 -9.30 -4.68 7.45
C ARG A 32 -8.08 -3.76 7.43
N ARG A 33 -8.29 -2.52 7.01
CA ARG A 33 -7.22 -1.54 6.95
C ARG A 33 -6.47 -1.46 8.28
N ILE A 34 -7.22 -1.28 9.36
CA ILE A 34 -6.62 -1.19 10.69
C ILE A 34 -5.86 -2.47 11.04
N GLU A 35 -6.36 -3.60 10.55
CA GLU A 35 -5.72 -4.88 10.81
C GLU A 35 -4.26 -4.87 10.37
N ILE A 36 -4.04 -4.45 9.13
CA ILE A 36 -2.68 -4.38 8.58
C ILE A 36 -1.95 -3.14 9.07
N ALA A 37 -2.71 -2.15 9.51
CA ALA A 37 -2.13 -0.90 10.01
C ALA A 37 -1.45 -1.12 11.35
N HIS A 38 -2.13 -1.84 12.25
CA HIS A 38 -1.58 -2.11 13.57
C HIS A 38 -0.55 -3.23 13.51
N ALA A 39 -0.73 -4.15 12.57
CA ALA A 39 0.19 -5.27 12.40
C ALA A 39 1.46 -4.84 11.69
N LEU A 40 1.31 -4.12 10.58
CA LEU A 40 2.45 -3.64 9.81
C LEU A 40 3.00 -2.35 10.39
N CYS A 41 2.40 -1.90 11.49
CA CYS A 41 2.83 -0.67 12.15
C CYS A 41 2.62 0.54 11.25
N LEU A 42 1.81 0.36 10.20
CA LEU A 42 1.52 1.43 9.27
C LEU A 42 0.18 2.09 9.59
N THR A 43 -0.18 3.10 8.80
CA THR A 43 -1.43 3.81 9.00
C THR A 43 -2.46 3.42 7.95
N GLU A 44 -3.73 3.39 8.36
CA GLU A 44 -4.81 3.02 7.45
C GLU A 44 -4.78 3.88 6.20
N ARG A 45 -4.43 5.14 6.36
CA ARG A 45 -4.35 6.07 5.23
C ARG A 45 -3.26 5.66 4.26
N GLN A 46 -2.17 5.12 4.81
CA GLN A 46 -1.04 4.69 3.98
C GLN A 46 -1.45 3.58 3.03
N ILE A 47 -2.02 2.51 3.58
CA ILE A 47 -2.46 1.38 2.77
C ILE A 47 -3.37 1.83 1.64
N LYS A 48 -4.35 2.67 1.98
CA LYS A 48 -5.28 3.18 0.99
C LYS A 48 -4.55 3.78 -0.21
N ILE A 49 -3.54 4.59 0.07
CA ILE A 49 -2.75 5.23 -0.97
C ILE A 49 -1.87 4.21 -1.69
N TRP A 50 -1.26 3.32 -0.92
CA TRP A 50 -0.40 2.29 -1.48
C TRP A 50 -1.10 1.53 -2.60
N PHE A 51 -2.40 1.36 -2.46
CA PHE A 51 -3.19 0.65 -3.46
C PHE A 51 -3.48 1.55 -4.66
N GLN A 52 -3.91 2.78 -4.38
CA GLN A 52 -4.23 3.74 -5.42
C GLN A 52 -3.02 3.97 -6.34
N ASN A 53 -1.84 4.00 -5.74
CA ASN A 53 -0.61 4.21 -6.50
C ASN A 53 -0.26 2.98 -7.33
N ARG A 54 -0.08 1.85 -6.66
CA ARG A 54 0.27 0.60 -7.34
C ARG A 54 -0.73 0.31 -8.46
N ARG A 55 -2.01 0.58 -8.20
CA ARG A 55 -3.05 0.35 -9.19
C ARG A 55 -2.91 1.31 -10.37
N MET A 56 -2.48 2.54 -10.06
CA MET A 56 -2.31 3.56 -11.09
C MET A 56 -1.45 3.02 -12.24
N LYS A 57 -0.42 2.26 -11.91
CA LYS A 57 0.47 1.70 -12.91
C LYS A 57 -0.23 0.59 -13.70
N LEU A 58 -1.13 -0.12 -13.04
CA LEU A 58 -1.87 -1.20 -13.67
C LEU A 58 -2.88 -0.65 -14.68
N LYS A 59 -3.57 -1.56 -15.37
CA LYS A 59 -4.57 -1.17 -16.35
C LYS A 59 -5.88 -0.77 -15.68
N LYS A 60 -6.15 0.53 -15.66
CA LYS A 60 -7.37 1.05 -15.04
C LYS A 60 -8.61 0.46 -15.72
N GLU A 61 -9.70 0.39 -14.97
CA GLU A 61 -10.96 -0.16 -15.50
C GLU A 61 -11.91 0.97 -15.88
N LEU A 62 -12.27 1.80 -14.90
CA LEU A 62 -13.18 2.91 -15.13
C LEU A 62 -12.66 4.19 -14.48
#